data_6XN8
#
_entry.id   6XN8
#
_cell.length_a   103.940
_cell.length_b   64.431
_cell.length_c   182.693
_cell.angle_alpha   90.000
_cell.angle_beta   90.880
_cell.angle_gamma   90.000
#
_symmetry.space_group_name_H-M   'I 1 2 1'
#
loop_
_entity.id
_entity.type
_entity.pdbx_description
1 polymer '2-hydroxyacyl-CoA lyase 1'
2 non-polymer 'MAGNESIUM ION'
3 non-polymer '2-{3-[(4-AMINO-2-METHYLPYRIMIDIN-5-YL)METHYL]-4-METHYL-2-OXO-2,3-DIHYDRO-1,3-THIAZOL-5-YL}ETHYL TRIHYDROGEN DIPHOSPHATE'
4 non-polymer "ADENOSINE-5'-DIPHOSPHATE"
5 non-polymer 'UNKNOWN LIGAND'
6 water water
#
_entity_poly.entity_id   1
_entity_poly.type   'polypeptide(L)'
_entity_poly.pdbx_seq_one_letter_code
;SSEVDGATLIARSLKQQGIDHLFGVVGFPITAIAAAAQKEGVAYLGMRNEQSAAYAAAAYGYLTGRPGAAVVVTGPGVVH
GLSGLANAQQNCWPMILIGGASETYRGGMGAFQEERQVLIASPFCKFAHGIESVARIPFYVEMATRNAIYGRPGATYLDM
PDDIIRGTCETDKIAQAERVPEAPRSVAPAENVEAALDLLEKAQRPLVLLGKGMAWSRGEDEVRAFIERTQVPFVRSPMG
KGVMPDDHPLSASAARTLALQQADVIFLMGARLNWIFHFGLPPRYAKDVKVIQLDIAPEEIGHNKPTEVALVGDGKAIMA
QLNKALVNRQWFHPKDTPWRQALTKKAAENVATIKPQVDDDQGPAGYYRALRDVAAWMPKNAILSAEGAGTMDIGLTQLA
SSNARSVLNAGTYGTMGVGLGQAIAAAVSDPSRPVIHLSGDSAIGFSGMEMETLVRYNLPVKIVVLNNGGIGPGMPEIPE
NPMFNLKPNALIYGARYDKVMEAFGGKGIFVKEPKDIRKALDEAMAFKGPALVNVVLSQGSTRKAQQFAWHS
;
_entity_poly.pdbx_strand_id   A,B
#
loop_
_chem_comp.id
_chem_comp.type
_chem_comp.name
_chem_comp.formula
ADP non-polymer ADENOSINE-5'-DIPHOSPHATE 'C10 H15 N5 O10 P2'
MG non-polymer 'MAGNESIUM ION' 'Mg 2'
TZD non-polymer '2-{3-[(4-AMINO-2-METHYLPYRIMIDIN-5-YL)METHYL]-4-METHYL-2-OXO-2,3-DIHYDRO-1,3-THIAZOL-5-YL}ETHYL TRIHYDROGEN DIPHOSPHATE' 'C12 H18 N4 O8 P2 S'
UNL non-polymer 'UNKNOWN LIGAND' ?
#
# COMPACT_ATOMS: atom_id res chain seq x y z
CA SER A 1 -10.45 12.05 36.97
C SER A 1 -9.38 13.12 37.00
N SER A 2 -9.73 14.32 36.54
CA SER A 2 -8.85 15.48 36.68
C SER A 2 -7.80 15.56 35.58
N GLU A 3 -7.52 14.43 34.91
CA GLU A 3 -6.45 14.38 33.92
C GLU A 3 -6.91 13.59 32.72
N VAL A 4 -6.44 14.00 31.54
CA VAL A 4 -6.77 13.34 30.29
C VAL A 4 -5.48 12.95 29.59
N ASP A 5 -5.44 11.72 29.08
CA ASP A 5 -4.28 11.25 28.34
C ASP A 5 -4.42 11.60 26.86
N GLY A 6 -3.29 11.54 26.15
CA GLY A 6 -3.27 11.97 24.77
C GLY A 6 -4.20 11.16 23.88
N ALA A 7 -4.18 9.83 24.05
CA ALA A 7 -5.06 8.97 23.26
C ALA A 7 -6.52 9.37 23.45
N THR A 8 -6.93 9.59 24.70
CA THR A 8 -8.31 9.94 24.99
C THR A 8 -8.68 11.29 24.40
N LEU A 9 -7.76 12.26 24.45
CA LEU A 9 -8.10 13.61 24.04
C LEU A 9 -8.25 13.70 22.53
N ILE A 10 -7.44 12.95 21.78
CA ILE A 10 -7.55 13.01 20.32
C ILE A 10 -8.81 12.28 19.86
N ALA A 11 -9.16 11.18 20.52
CA ALA A 11 -10.43 10.52 20.23
C ALA A 11 -11.60 11.44 20.60
N ARG A 12 -11.53 12.07 21.77
CA ARG A 12 -12.57 13.01 22.16
C ARG A 12 -12.66 14.17 21.17
N SER A 13 -11.53 14.63 20.65
CA SER A 13 -11.55 15.73 19.70
C SER A 13 -12.13 15.31 18.35
N LEU A 14 -11.89 14.07 17.92
CA LEU A 14 -12.54 13.58 16.71
C LEU A 14 -14.06 13.62 16.85
N LYS A 15 -14.57 13.13 18.00
CA LYS A 15 -16.01 13.18 18.23
C LYS A 15 -16.52 14.61 18.24
N GLN A 16 -15.79 15.50 18.92
CA GLN A 16 -16.17 16.91 18.96
C GLN A 16 -16.37 17.48 17.56
N GLN A 17 -15.54 17.07 16.61
CA GLN A 17 -15.63 17.55 15.24
C GLN A 17 -16.65 16.78 14.41
N GLY A 18 -17.40 15.86 15.01
CA GLY A 18 -18.44 15.16 14.29
C GLY A 18 -17.96 13.98 13.47
N ILE A 19 -16.79 13.42 13.80
CA ILE A 19 -16.25 12.26 13.11
C ILE A 19 -16.67 11.03 13.89
N ASP A 20 -17.55 10.21 13.29
CA ASP A 20 -18.20 9.11 13.99
C ASP A 20 -17.55 7.76 13.75
N HIS A 21 -16.64 7.65 12.78
CA HIS A 21 -15.92 6.41 12.52
C HIS A 21 -14.43 6.69 12.37
N LEU A 22 -13.63 5.67 12.67
CA LEU A 22 -12.18 5.76 12.59
C LEU A 22 -11.65 4.45 12.02
N PHE A 23 -10.92 4.53 10.91
CA PHE A 23 -10.32 3.38 10.27
C PHE A 23 -8.83 3.31 10.61
N GLY A 24 -8.31 2.10 10.74
CA GLY A 24 -6.89 2.00 11.04
C GLY A 24 -6.42 0.56 11.09
N VAL A 25 -5.13 0.42 11.39
CA VAL A 25 -4.49 -0.84 11.74
C VAL A 25 -3.61 -0.56 12.94
N VAL A 26 -3.89 -1.20 14.07
CA VAL A 26 -3.27 -0.82 15.33
C VAL A 26 -1.90 -1.45 15.45
N GLY A 27 -1.28 -1.28 16.63
CA GLY A 27 0.13 -1.52 16.83
C GLY A 27 0.80 -0.30 17.43
N PHE A 28 2.07 -0.47 17.76
CA PHE A 28 2.82 0.62 18.37
C PHE A 28 2.79 1.84 17.45
N PRO A 29 2.46 3.04 17.98
CA PRO A 29 2.06 3.41 19.33
C PRO A 29 0.60 3.88 19.45
N ILE A 30 -0.25 3.48 18.50
CA ILE A 30 -1.58 4.07 18.36
C ILE A 30 -2.71 3.15 18.81
N THR A 31 -2.40 1.96 19.33
CA THR A 31 -3.48 1.07 19.76
C THR A 31 -4.40 1.76 20.77
N ALA A 32 -3.82 2.59 21.64
CA ALA A 32 -4.63 3.28 22.65
C ALA A 32 -5.59 4.28 22.03
N ILE A 33 -5.25 4.84 20.86
CA ILE A 33 -6.14 5.78 20.19
C ILE A 33 -7.39 5.06 19.72
N ALA A 34 -7.23 3.89 19.11
CA ALA A 34 -8.38 3.10 18.68
C ALA A 34 -9.25 2.72 19.86
N ALA A 35 -8.64 2.26 20.95
CA ALA A 35 -9.41 1.92 22.15
C ALA A 35 -10.14 3.13 22.70
N ALA A 36 -9.48 4.29 22.70
CA ALA A 36 -10.12 5.51 23.21
C ALA A 36 -11.27 5.94 22.32
N ALA A 37 -11.12 5.77 21.00
CA ALA A 37 -12.21 6.11 20.09
C ALA A 37 -13.49 5.38 20.47
N GLN A 38 -13.39 4.07 20.76
CA GLN A 38 -14.57 3.28 21.04
C GLN A 38 -15.29 3.77 22.30
N LYS A 39 -14.54 4.22 23.29
CA LYS A 39 -15.15 4.72 24.53
C LYS A 39 -15.66 6.14 24.39
N GLU A 40 -15.22 6.88 23.38
CA GLU A 40 -15.67 8.24 23.15
C GLU A 40 -16.78 8.33 22.10
N GLY A 41 -17.34 7.20 21.70
CA GLY A 41 -18.42 7.18 20.75
C GLY A 41 -17.99 7.19 19.30
N VAL A 42 -16.73 6.91 19.01
CA VAL A 42 -16.22 6.85 17.65
C VAL A 42 -15.99 5.38 17.31
N ALA A 43 -16.79 4.88 16.36
CA ALA A 43 -16.65 3.49 15.95
C ALA A 43 -15.29 3.26 15.29
N TYR A 44 -14.67 2.14 15.60
CA TYR A 44 -13.38 1.78 15.04
C TYR A 44 -13.51 0.55 14.16
N LEU A 45 -12.95 0.63 12.95
CA LEU A 45 -12.86 -0.50 12.03
C LEU A 45 -11.38 -0.81 11.82
N GLY A 46 -10.96 -1.98 12.30
CA GLY A 46 -9.60 -2.45 12.06
C GLY A 46 -9.48 -3.12 10.71
N MET A 47 -8.70 -2.52 9.82
CA MET A 47 -8.57 -3.00 8.46
C MET A 47 -7.41 -3.99 8.37
N ARG A 48 -7.16 -4.49 7.15
CA ARG A 48 -6.05 -5.41 6.90
C ARG A 48 -4.85 -4.73 6.27
N ASN A 49 -4.97 -3.47 5.87
CA ASN A 49 -3.87 -2.71 5.29
C ASN A 49 -4.19 -1.22 5.44
N GLU A 50 -3.14 -0.43 5.66
CA GLU A 50 -3.36 1.01 5.82
C GLU A 50 -3.87 1.65 4.54
N GLN A 51 -3.55 1.07 3.38
CA GLN A 51 -4.10 1.55 2.12
C GLN A 51 -5.62 1.66 2.20
N SER A 52 -6.27 0.54 2.54
CA SER A 52 -7.73 0.53 2.61
C SER A 52 -8.25 1.49 3.68
N ALA A 53 -7.56 1.55 4.82
CA ALA A 53 -8.01 2.43 5.90
C ALA A 53 -7.99 3.89 5.46
N ALA A 54 -6.92 4.30 4.76
CA ALA A 54 -6.81 5.68 4.35
C ALA A 54 -7.74 5.99 3.19
N TYR A 55 -7.96 5.03 2.29
CA TYR A 55 -8.92 5.24 1.21
C TYR A 55 -10.35 5.31 1.74
N ALA A 56 -10.67 4.48 2.72
CA ALA A 56 -11.99 4.54 3.34
C ALA A 56 -12.21 5.89 4.01
N ALA A 57 -11.22 6.37 4.75
CA ALA A 57 -11.33 7.68 5.38
C ALA A 57 -11.67 8.75 4.35
N ALA A 58 -10.97 8.76 3.22
CA ALA A 58 -11.18 9.80 2.21
C ALA A 58 -12.61 9.76 1.68
N ALA A 59 -13.10 8.56 1.32
CA ALA A 59 -14.46 8.44 0.81
C ALA A 59 -15.49 8.74 1.90
N TYR A 60 -15.22 8.28 3.13
CA TYR A 60 -16.11 8.60 4.24
C TYR A 60 -16.27 10.11 4.39
N GLY A 61 -15.18 10.86 4.21
CA GLY A 61 -15.29 12.30 4.30
C GLY A 61 -16.24 12.87 3.26
N TYR A 62 -16.08 12.44 2.00
CA TYR A 62 -16.99 12.85 0.95
C TYR A 62 -18.43 12.52 1.30
N LEU A 63 -18.68 11.32 1.83
CA LEU A 63 -20.05 10.88 2.06
C LEU A 63 -20.70 11.61 3.23
N THR A 64 -19.92 12.00 4.24
CA THR A 64 -20.49 12.54 5.47
C THR A 64 -20.45 14.06 5.56
N GLY A 65 -19.57 14.72 4.82
CA GLY A 65 -19.44 16.16 4.92
C GLY A 65 -18.52 16.63 6.01
N ARG A 66 -18.08 15.73 6.89
CA ARG A 66 -17.05 16.00 7.87
C ARG A 66 -15.80 15.19 7.50
N PRO A 67 -14.64 15.55 8.02
CA PRO A 67 -13.42 14.83 7.62
C PRO A 67 -13.51 13.35 7.99
N GLY A 68 -13.06 12.51 7.08
CA GLY A 68 -12.76 11.13 7.43
C GLY A 68 -11.45 11.05 8.19
N ALA A 69 -11.36 10.04 9.06
CA ALA A 69 -10.17 9.88 9.90
C ALA A 69 -9.62 8.47 9.76
N ALA A 70 -8.30 8.39 9.64
CA ALA A 70 -7.58 7.14 9.73
C ALA A 70 -6.44 7.29 10.73
N VAL A 71 -6.09 6.19 11.39
CA VAL A 71 -4.99 6.17 12.36
C VAL A 71 -4.06 5.03 11.96
N VAL A 72 -2.77 5.33 11.85
CA VAL A 72 -1.78 4.38 11.39
C VAL A 72 -0.58 4.43 12.30
N VAL A 73 0.22 3.36 12.26
CA VAL A 73 1.38 3.23 13.13
C VAL A 73 2.53 4.07 12.61
N THR A 74 3.62 4.12 13.38
CA THR A 74 4.87 4.75 13.02
C THR A 74 5.41 4.23 11.68
N GLY A 75 6.24 5.04 11.02
CA GLY A 75 7.04 4.56 9.91
C GLY A 75 6.24 4.02 8.74
N PRO A 76 6.33 2.70 8.51
CA PRO A 76 5.60 2.14 7.36
C PRO A 76 4.11 2.38 7.41
N GLY A 77 3.53 2.55 8.60
CA GLY A 77 2.13 2.90 8.69
C GLY A 77 1.80 4.19 7.95
N VAL A 78 2.61 5.21 8.17
CA VAL A 78 2.40 6.48 7.50
C VAL A 78 2.69 6.36 6.01
N VAL A 79 3.77 5.65 5.65
CA VAL A 79 4.13 5.50 4.24
C VAL A 79 3.00 4.82 3.49
N HIS A 80 2.45 3.73 4.05
CA HIS A 80 1.27 3.12 3.44
C HIS A 80 0.11 4.11 3.39
N GLY A 81 -0.06 4.90 4.46
CA GLY A 81 -1.18 5.81 4.54
C GLY A 81 -1.12 6.97 3.56
N LEU A 82 0.06 7.27 3.03
CA LEU A 82 0.16 8.34 2.04
C LEU A 82 -0.78 8.11 0.87
N SER A 83 -1.05 6.84 0.56
CA SER A 83 -1.98 6.51 -0.52
C SER A 83 -3.30 7.25 -0.37
N GLY A 84 -3.84 7.28 0.85
CA GLY A 84 -5.12 7.93 1.06
C GLY A 84 -5.02 9.44 1.02
N LEU A 85 -3.94 10.00 1.57
CA LEU A 85 -3.73 11.44 1.50
C LEU A 85 -3.73 11.92 0.06
N ALA A 86 -2.99 11.23 -0.81
CA ALA A 86 -2.95 11.59 -2.22
C ALA A 86 -4.34 11.54 -2.84
N ASN A 87 -5.11 10.49 -2.52
CA ASN A 87 -6.43 10.34 -3.13
C ASN A 87 -7.39 11.42 -2.65
N ALA A 88 -7.31 11.80 -1.38
CA ALA A 88 -8.14 12.89 -0.88
C ALA A 88 -7.74 14.22 -1.50
N GLN A 89 -6.43 14.48 -1.61
CA GLN A 89 -5.98 15.69 -2.28
C GLN A 89 -6.52 15.74 -3.70
N GLN A 90 -6.43 14.61 -4.41
CA GLN A 90 -6.78 14.59 -5.83
C GLN A 90 -8.28 14.74 -6.04
N ASN A 91 -9.09 14.10 -5.21
CA ASN A 91 -10.54 14.17 -5.35
C ASN A 91 -11.17 15.37 -4.66
N CYS A 92 -10.39 16.16 -3.92
CA CYS A 92 -10.93 17.25 -3.11
C CYS A 92 -11.89 16.70 -2.05
N TRP A 93 -11.40 15.72 -1.28
CA TRP A 93 -12.15 15.09 -0.21
C TRP A 93 -11.48 15.38 1.13
N PRO A 94 -12.26 15.58 2.21
CA PRO A 94 -11.65 15.91 3.50
C PRO A 94 -11.24 14.68 4.29
N MET A 95 -10.01 14.66 4.81
CA MET A 95 -9.61 13.58 5.71
C MET A 95 -8.51 14.05 6.64
N ILE A 96 -8.40 13.36 7.77
CA ILE A 96 -7.29 13.52 8.71
C ILE A 96 -6.60 12.16 8.81
N LEU A 97 -5.30 12.13 8.50
CA LEU A 97 -4.46 10.98 8.78
C LEU A 97 -3.73 11.24 10.09
N ILE A 98 -3.98 10.40 11.09
CA ILE A 98 -3.29 10.47 12.37
C ILE A 98 -2.18 9.43 12.34
N GLY A 99 -0.94 9.90 12.31
CA GLY A 99 0.21 9.03 12.25
C GLY A 99 0.93 8.99 13.58
N GLY A 100 1.11 7.77 14.10
CA GLY A 100 1.98 7.59 15.25
C GLY A 100 3.41 8.00 14.92
N ALA A 101 4.09 8.54 15.92
CA ALA A 101 5.49 8.94 15.78
C ALA A 101 6.29 8.39 16.96
N SER A 102 7.57 8.10 16.69
CA SER A 102 8.42 7.55 17.74
C SER A 102 8.66 8.59 18.83
N GLU A 103 9.23 8.13 19.95
CA GLU A 103 9.43 8.97 21.11
C GLU A 103 10.24 10.22 20.74
N THR A 104 9.78 11.38 21.22
CA THR A 104 10.45 12.63 20.90
C THR A 104 11.91 12.61 21.36
N TYR A 105 12.16 12.02 22.53
CA TYR A 105 13.49 12.01 23.13
C TYR A 105 14.42 10.97 22.50
N ARG A 106 13.97 10.24 21.47
CA ARG A 106 14.80 9.31 20.74
C ARG A 106 15.21 9.85 19.37
N GLY A 107 14.92 11.11 19.08
CA GLY A 107 15.25 11.70 17.80
C GLY A 107 16.72 11.54 17.45
N GLY A 108 17.00 11.00 16.26
CA GLY A 108 18.35 10.85 15.78
C GLY A 108 19.04 9.58 16.19
N MET A 109 18.40 8.74 17.01
CA MET A 109 19.04 7.54 17.54
C MET A 109 18.74 6.28 16.74
N GLY A 110 17.81 6.33 15.80
CA GLY A 110 17.40 5.13 15.11
C GLY A 110 16.34 4.36 15.87
N ALA A 111 15.36 5.06 16.42
CA ALA A 111 14.30 4.41 17.18
C ALA A 111 13.47 3.52 16.26
N PHE A 112 12.74 2.59 16.87
CA PHE A 112 11.85 1.72 16.13
C PHE A 112 10.87 2.55 15.31
N GLN A 113 10.97 2.42 13.99
CA GLN A 113 10.07 3.07 13.04
C GLN A 113 10.12 4.60 13.18
N GLU A 114 11.33 5.11 13.41
CA GLU A 114 11.57 6.55 13.30
C GLU A 114 11.51 6.97 11.84
N GLU A 115 10.83 8.08 11.57
CA GLU A 115 10.64 8.56 10.20
C GLU A 115 10.30 10.05 10.22
N ARG A 116 10.65 10.72 9.13
CA ARG A 116 10.36 12.15 8.97
C ARG A 116 8.95 12.26 8.38
N GLN A 117 7.97 12.12 9.24
CA GLN A 117 6.61 11.82 8.78
C GLN A 117 5.88 13.06 8.29
N VAL A 118 6.08 14.21 8.95
CA VAL A 118 5.49 15.44 8.43
C VAL A 118 6.14 15.79 7.09
N LEU A 119 7.43 15.52 6.95
CA LEU A 119 8.13 15.82 5.69
C LEU A 119 7.53 15.03 4.53
N ILE A 120 7.37 13.72 4.70
CA ILE A 120 6.92 12.89 3.59
C ILE A 120 5.43 13.04 3.30
N ALA A 121 4.63 13.45 4.29
CA ALA A 121 3.21 13.65 4.09
C ALA A 121 2.86 15.03 3.55
N SER A 122 3.72 16.02 3.76
CA SER A 122 3.37 17.40 3.43
C SER A 122 2.94 17.59 1.99
N PRO A 123 3.58 16.99 0.99
CA PRO A 123 3.19 17.27 -0.41
C PRO A 123 1.74 16.96 -0.72
N PHE A 124 1.07 16.13 0.09
CA PHE A 124 -0.29 15.72 -0.19
C PHE A 124 -1.34 16.49 0.60
N CYS A 125 -0.93 17.44 1.45
CA CYS A 125 -1.80 17.97 2.50
C CYS A 125 -2.01 19.46 2.40
N LYS A 126 -3.24 19.89 2.73
CA LYS A 126 -3.50 21.30 2.96
C LYS A 126 -2.89 21.78 4.26
N PHE A 127 -2.75 20.87 5.24
CA PHE A 127 -2.21 21.19 6.55
C PHE A 127 -1.60 19.92 7.13
N ALA A 128 -0.35 20.01 7.58
CA ALA A 128 0.36 18.88 8.15
C ALA A 128 1.25 19.39 9.26
N HIS A 129 1.13 18.79 10.45
CA HIS A 129 1.86 19.31 11.60
C HIS A 129 2.03 18.24 12.65
N GLY A 130 3.12 18.35 13.41
CA GLY A 130 3.33 17.51 14.57
C GLY A 130 2.68 18.10 15.80
N ILE A 131 2.12 17.24 16.64
CA ILE A 131 1.48 17.64 17.89
C ILE A 131 2.51 17.53 18.99
N GLU A 132 2.94 18.68 19.52
CA GLU A 132 4.05 18.73 20.46
C GLU A 132 3.64 18.51 21.91
N SER A 133 2.35 18.65 22.24
CA SER A 133 1.91 18.51 23.61
C SER A 133 0.49 17.97 23.64
N VAL A 134 0.15 17.30 24.75
CA VAL A 134 -1.22 16.84 24.95
C VAL A 134 -2.17 18.02 24.99
N ALA A 135 -1.75 19.11 25.62
CA ALA A 135 -2.66 20.22 25.89
C ALA A 135 -3.24 20.80 24.61
N ARG A 136 -2.49 20.77 23.52
CA ARG A 136 -2.93 21.39 22.28
C ARG A 136 -3.46 20.41 21.26
N ILE A 137 -3.70 19.16 21.66
CA ILE A 137 -4.37 18.21 20.77
C ILE A 137 -5.67 18.77 20.23
N PRO A 138 -6.59 19.32 21.05
CA PRO A 138 -7.84 19.84 20.49
C PRO A 138 -7.63 20.94 19.47
N PHE A 139 -6.67 21.83 19.71
CA PHE A 139 -6.36 22.87 18.74
C PHE A 139 -6.01 22.27 17.38
N TYR A 140 -5.12 21.27 17.36
CA TYR A 140 -4.63 20.74 16.10
C TYR A 140 -5.73 19.97 15.37
N VAL A 141 -6.59 19.26 16.10
CA VAL A 141 -7.67 18.54 15.45
C VAL A 141 -8.68 19.52 14.87
N GLU A 142 -8.91 20.65 15.56
CA GLU A 142 -9.79 21.67 15.02
C GLU A 142 -9.18 22.29 13.77
N MET A 143 -7.89 22.63 13.81
CA MET A 143 -7.27 23.26 12.65
C MET A 143 -7.20 22.31 11.47
N ALA A 144 -6.84 21.04 11.72
CA ALA A 144 -6.88 20.05 10.64
C ALA A 144 -8.29 19.97 10.04
N THR A 145 -9.30 19.93 10.90
CA THR A 145 -10.68 19.83 10.43
C THR A 145 -11.04 21.02 9.54
N ARG A 146 -10.75 22.24 10.02
CA ARG A 146 -11.10 23.43 9.26
C ARG A 146 -10.45 23.39 7.88
N ASN A 147 -9.14 23.12 7.83
CA ASN A 147 -8.45 23.10 6.54
C ASN A 147 -8.93 21.95 5.66
N ALA A 148 -9.51 20.90 6.23
CA ALA A 148 -9.96 19.78 5.43
C ALA A 148 -11.28 20.08 4.71
N ILE A 149 -12.21 20.78 5.36
CA ILE A 149 -13.56 20.94 4.82
C ILE A 149 -13.87 22.36 4.35
N TYR A 150 -12.99 23.33 4.59
CA TYR A 150 -13.23 24.68 4.07
C TYR A 150 -12.55 24.86 2.72
N GLY A 151 -13.14 25.70 1.88
CA GLY A 151 -12.62 25.91 0.54
C GLY A 151 -12.67 24.64 -0.26
N ARG A 152 -11.68 24.47 -1.13
CA ARG A 152 -11.51 23.19 -1.80
C ARG A 152 -11.09 22.15 -0.77
N PRO A 153 -11.90 21.15 -0.47
CA PRO A 153 -11.52 20.19 0.57
C PRO A 153 -10.25 19.43 0.21
N GLY A 154 -9.59 18.90 1.24
CA GLY A 154 -8.35 18.21 1.01
C GLY A 154 -7.89 17.45 2.24
N ALA A 155 -6.66 16.92 2.13
CA ALA A 155 -6.10 16.03 3.13
C ALA A 155 -5.29 16.80 4.16
N THR A 156 -5.23 16.25 5.37
CA THR A 156 -4.45 16.82 6.46
C THR A 156 -3.79 15.70 7.25
N TYR A 157 -2.66 16.00 7.87
CA TYR A 157 -1.89 15.01 8.61
C TYR A 157 -1.49 15.56 9.97
N LEU A 158 -1.63 14.71 10.99
CA LEU A 158 -1.24 15.05 12.36
C LEU A 158 -0.29 13.99 12.88
N ASP A 159 0.86 14.43 13.37
CA ASP A 159 1.87 13.55 13.94
C ASP A 159 1.69 13.48 15.45
N MET A 160 1.57 12.26 15.98
CA MET A 160 1.31 12.03 17.40
C MET A 160 2.43 11.18 18.01
N PRO A 161 3.46 11.81 18.58
CA PRO A 161 4.53 11.04 19.21
C PRO A 161 4.01 10.08 20.28
N ASP A 162 4.79 9.01 20.50
CA ASP A 162 4.39 8.00 21.46
C ASP A 162 4.28 8.58 22.86
N ASP A 163 5.23 9.45 23.25
CA ASP A 163 5.18 10.04 24.58
C ASP A 163 4.09 11.11 24.70
N ILE A 164 3.50 11.54 23.59
CA ILE A 164 2.32 12.39 23.67
C ILE A 164 1.06 11.54 23.82
N ILE A 165 0.96 10.46 23.06
CA ILE A 165 -0.18 9.56 23.20
C ILE A 165 -0.31 9.09 24.64
N ARG A 166 0.82 8.75 25.27
CA ARG A 166 0.83 8.26 26.64
C ARG A 166 0.86 9.38 27.68
N GLY A 167 1.23 10.59 27.30
CA GLY A 167 1.26 11.70 28.22
C GLY A 167 -0.13 12.05 28.73
N THR A 168 -0.16 12.93 29.73
CA THR A 168 -1.41 13.36 30.33
C THR A 168 -1.36 14.87 30.57
N CYS A 169 -2.52 15.45 30.81
CA CYS A 169 -2.64 16.89 30.98
C CYS A 169 -3.83 17.21 31.89
N GLU A 170 -3.62 18.12 32.83
CA GLU A 170 -4.72 18.60 33.65
C GLU A 170 -5.78 19.25 32.77
N THR A 171 -7.04 19.12 33.18
CA THR A 171 -8.13 19.62 32.34
C THR A 171 -8.06 21.14 32.17
N ASP A 172 -7.68 21.86 33.22
CA ASP A 172 -7.60 23.32 33.13
C ASP A 172 -6.49 23.79 32.19
N LYS A 173 -5.59 22.90 31.78
CA LYS A 173 -4.49 23.24 30.90
C LYS A 173 -4.74 22.84 29.45
N ILE A 174 -5.81 22.10 29.18
CA ILE A 174 -6.12 21.70 27.81
C ILE A 174 -6.51 22.92 27.00
N ALA A 175 -6.09 22.95 25.73
CA ALA A 175 -6.45 24.04 24.84
C ALA A 175 -7.95 24.03 24.57
N GLN A 176 -8.54 25.21 24.55
CA GLN A 176 -9.95 25.34 24.21
C GLN A 176 -10.13 25.20 22.70
N ALA A 177 -11.19 24.49 22.30
CA ALA A 177 -11.50 24.28 20.91
C ALA A 177 -13.01 24.12 20.76
N GLU A 178 -13.49 24.26 19.53
CA GLU A 178 -14.91 24.14 19.26
C GLU A 178 -15.11 23.35 17.98
N ARG A 179 -16.26 22.72 17.86
CA ARG A 179 -16.64 22.08 16.60
C ARG A 179 -16.55 23.09 15.47
N VAL A 180 -15.86 22.71 14.41
CA VAL A 180 -15.72 23.57 13.24
C VAL A 180 -17.10 23.68 12.59
N PRO A 181 -17.66 24.89 12.49
CA PRO A 181 -18.98 25.02 11.86
C PRO A 181 -18.93 24.59 10.40
N GLU A 182 -20.12 24.27 9.88
CA GLU A 182 -20.25 24.04 8.45
C GLU A 182 -19.65 25.20 7.68
N ALA A 183 -19.00 24.87 6.56
CA ALA A 183 -18.19 25.86 5.87
C ALA A 183 -19.02 27.08 5.52
N PRO A 184 -18.45 28.29 5.62
CA PRO A 184 -19.18 29.47 5.19
C PRO A 184 -19.38 29.45 3.68
N ARG A 185 -20.48 30.04 3.24
CA ARG A 185 -20.83 30.06 1.83
C ARG A 185 -20.50 31.41 1.22
N SER A 186 -19.95 31.39 0.02
CA SER A 186 -19.78 32.56 -0.82
C SER A 186 -20.66 32.41 -2.06
N VAL A 187 -21.15 33.54 -2.57
CA VAL A 187 -22.05 33.54 -3.71
C VAL A 187 -21.51 34.49 -4.76
N ALA A 188 -22.14 34.45 -5.95
CA ALA A 188 -21.68 35.25 -7.07
C ALA A 188 -22.29 36.64 -7.02
N PRO A 189 -21.60 37.65 -7.54
CA PRO A 189 -22.23 38.97 -7.70
C PRO A 189 -23.41 38.88 -8.65
N ALA A 190 -24.37 39.79 -8.47
CA ALA A 190 -25.58 39.74 -9.27
C ALA A 190 -25.30 39.82 -10.76
N GLU A 191 -24.34 40.66 -11.17
CA GLU A 191 -24.07 40.81 -12.59
C GLU A 191 -23.53 39.51 -13.19
N ASN A 192 -22.75 38.75 -12.43
CA ASN A 192 -22.24 37.48 -12.92
C ASN A 192 -23.36 36.47 -13.11
N VAL A 193 -24.31 36.45 -12.17
CA VAL A 193 -25.48 35.56 -12.29
C VAL A 193 -26.25 35.89 -13.57
N GLU A 194 -26.46 37.18 -13.83
CA GLU A 194 -27.19 37.58 -15.03
C GLU A 194 -26.37 37.31 -16.28
N ALA A 195 -25.06 37.56 -16.22
CA ALA A 195 -24.21 37.28 -17.36
C ALA A 195 -24.22 35.80 -17.73
N ALA A 196 -24.33 34.93 -16.72
CA ALA A 196 -24.43 33.49 -17.01
C ALA A 196 -25.70 33.19 -17.79
N LEU A 197 -26.83 33.71 -17.32
CA LEU A 197 -28.09 33.48 -18.01
C LEU A 197 -28.11 34.15 -19.38
N ASP A 198 -27.47 35.31 -19.51
CA ASP A 198 -27.36 35.95 -20.82
C ASP A 198 -26.64 35.04 -21.82
N LEU A 199 -25.52 34.46 -21.39
CA LEU A 199 -24.75 33.59 -22.28
C LEU A 199 -25.54 32.36 -22.68
N LEU A 200 -26.26 31.76 -21.73
CA LEU A 200 -27.10 30.60 -22.05
C LEU A 200 -28.19 30.98 -23.04
N GLU A 201 -28.78 32.16 -22.88
CA GLU A 201 -29.84 32.61 -23.78
C GLU A 201 -29.39 32.57 -25.23
N LYS A 202 -28.19 33.08 -25.51
CA LYS A 202 -27.68 33.17 -26.86
C LYS A 202 -27.16 31.85 -27.41
N ALA A 203 -26.99 30.84 -26.55
CA ALA A 203 -26.36 29.61 -27.00
C ALA A 203 -27.25 28.87 -28.00
N GLN A 204 -26.61 28.35 -29.04
CA GLN A 204 -27.28 27.47 -29.98
C GLN A 204 -27.25 26.02 -29.51
N ARG A 205 -26.21 25.66 -28.77
CA ARG A 205 -25.97 24.28 -28.35
C ARG A 205 -25.40 24.27 -26.94
N PRO A 206 -26.21 24.61 -25.93
CA PRO A 206 -25.72 24.64 -24.56
C PRO A 206 -25.62 23.25 -23.94
N LEU A 207 -24.67 23.12 -23.01
CA LEU A 207 -24.43 21.85 -22.34
C LEU A 207 -23.96 22.11 -20.92
N VAL A 208 -24.53 21.36 -19.97
CA VAL A 208 -24.11 21.43 -18.56
C VAL A 208 -23.21 20.24 -18.26
N LEU A 209 -22.09 20.50 -17.59
CA LEU A 209 -21.15 19.46 -17.18
C LEU A 209 -21.19 19.35 -15.65
N LEU A 210 -21.74 18.24 -15.16
CA LEU A 210 -21.96 18.03 -13.74
C LEU A 210 -20.81 17.21 -13.15
N GLY A 211 -20.21 17.73 -12.08
CA GLY A 211 -19.12 17.06 -11.40
C GLY A 211 -19.45 16.79 -9.94
N LYS A 212 -18.57 16.03 -9.29
CA LYS A 212 -18.82 15.63 -7.91
C LYS A 212 -18.64 16.79 -6.92
N GLY A 213 -18.07 17.91 -7.35
CA GLY A 213 -18.05 19.09 -6.50
C GLY A 213 -19.45 19.58 -6.15
N MET A 214 -20.39 19.44 -7.09
CA MET A 214 -21.79 19.74 -6.79
C MET A 214 -22.37 18.71 -5.85
N ALA A 215 -21.97 17.44 -6.00
CA ALA A 215 -22.41 16.43 -5.05
C ALA A 215 -21.86 16.72 -3.65
N TRP A 216 -20.57 17.09 -3.56
CA TRP A 216 -20.02 17.48 -2.27
C TRP A 216 -20.77 18.68 -1.71
N SER A 217 -21.14 19.63 -2.55
CA SER A 217 -21.89 20.80 -2.08
C SER A 217 -23.32 20.44 -1.70
N ARG A 218 -23.81 19.26 -2.10
CA ARG A 218 -25.17 18.81 -1.77
C ARG A 218 -26.21 19.78 -2.33
N GLY A 219 -26.01 20.16 -3.59
CA GLY A 219 -26.93 21.05 -4.29
C GLY A 219 -27.67 20.36 -5.41
N GLU A 220 -27.90 19.05 -5.28
CA GLU A 220 -28.57 18.32 -6.33
C GLU A 220 -29.98 18.86 -6.57
N ASP A 221 -30.66 19.28 -5.50
CA ASP A 221 -32.01 19.82 -5.66
C ASP A 221 -31.99 21.11 -6.47
N GLU A 222 -31.04 22.00 -6.17
CA GLU A 222 -30.93 23.24 -6.93
C GLU A 222 -30.58 22.95 -8.39
N VAL A 223 -29.70 21.99 -8.63
CA VAL A 223 -29.34 21.63 -10.01
C VAL A 223 -30.56 21.10 -10.75
N ARG A 224 -31.31 20.21 -10.10
CA ARG A 224 -32.48 19.61 -10.74
C ARG A 224 -33.52 20.68 -11.09
N ALA A 225 -33.71 21.67 -10.21
CA ALA A 225 -34.63 22.76 -10.53
C ALA A 225 -34.13 23.55 -11.72
N PHE A 226 -32.81 23.77 -11.80
CA PHE A 226 -32.25 24.56 -12.88
C PHE A 226 -32.40 23.84 -14.23
N ILE A 227 -32.03 22.56 -14.27
CA ILE A 227 -32.11 21.82 -15.52
C ILE A 227 -33.55 21.74 -16.00
N GLU A 228 -34.50 21.50 -15.08
CA GLU A 228 -35.90 21.39 -15.47
C GLU A 228 -36.41 22.72 -16.01
N ARG A 229 -36.03 23.83 -15.37
CA ARG A 229 -36.46 25.15 -15.81
C ARG A 229 -35.87 25.51 -17.16
N THR A 230 -34.56 25.31 -17.32
CA THR A 230 -33.89 25.73 -18.54
C THR A 230 -34.00 24.70 -19.66
N GLN A 231 -34.20 23.42 -19.34
CA GLN A 231 -34.27 22.36 -20.33
C GLN A 231 -32.97 22.30 -21.15
N VAL A 232 -31.85 22.51 -20.49
CA VAL A 232 -30.53 22.43 -21.12
C VAL A 232 -29.98 21.02 -20.95
N PRO A 233 -29.48 20.36 -22.01
CA PRO A 233 -28.91 19.02 -21.83
C PRO A 233 -27.71 19.04 -20.91
N PHE A 234 -27.37 17.85 -20.38
CA PHE A 234 -26.28 17.74 -19.42
C PHE A 234 -25.50 16.45 -19.64
N VAL A 235 -24.21 16.51 -19.33
CA VAL A 235 -23.38 15.33 -19.15
C VAL A 235 -22.82 15.36 -17.74
N ARG A 236 -22.15 14.28 -17.35
CA ARG A 236 -21.80 14.06 -15.96
C ARG A 236 -20.53 13.24 -15.86
N SER A 237 -19.69 13.60 -14.88
CA SER A 237 -18.55 12.78 -14.55
C SER A 237 -19.02 11.50 -13.84
N PRO A 238 -18.16 10.48 -13.77
CA PRO A 238 -18.58 9.22 -13.15
C PRO A 238 -19.14 9.38 -11.73
N MET A 239 -18.51 10.18 -10.87
CA MET A 239 -19.04 10.39 -9.54
C MET A 239 -19.98 11.59 -9.47
N GLY A 240 -20.04 12.41 -10.51
CA GLY A 240 -21.15 13.32 -10.67
C GLY A 240 -22.47 12.65 -10.97
N LYS A 241 -22.45 11.35 -11.29
CA LYS A 241 -23.66 10.57 -11.49
C LYS A 241 -24.63 10.77 -10.32
N GLY A 242 -25.90 10.97 -10.66
CA GLY A 242 -26.94 11.08 -9.65
C GLY A 242 -27.28 12.48 -9.22
N VAL A 243 -26.39 13.45 -9.42
CA VAL A 243 -26.76 14.84 -9.19
C VAL A 243 -28.02 15.17 -9.97
N MET A 244 -28.01 14.84 -11.29
CA MET A 244 -29.22 14.66 -12.07
C MET A 244 -29.52 13.18 -12.21
N PRO A 245 -30.78 12.76 -12.29
CA PRO A 245 -31.06 11.34 -12.56
C PRO A 245 -30.57 10.97 -13.95
N ASP A 246 -29.89 9.82 -14.04
CA ASP A 246 -29.32 9.42 -15.32
C ASP A 246 -30.41 9.15 -16.36
N ASP A 247 -31.58 8.66 -15.93
CA ASP A 247 -32.65 8.32 -16.85
C ASP A 247 -33.52 9.52 -17.22
N HIS A 248 -32.99 10.73 -17.09
CA HIS A 248 -33.70 11.94 -17.46
C HIS A 248 -33.65 12.14 -18.97
N PRO A 249 -34.71 12.68 -19.57
CA PRO A 249 -34.69 12.89 -21.03
C PRO A 249 -33.63 13.87 -21.50
N LEU A 250 -33.13 14.74 -20.62
CA LEU A 250 -32.13 15.73 -20.98
C LEU A 250 -30.70 15.22 -20.83
N SER A 251 -30.52 13.94 -20.50
CA SER A 251 -29.19 13.37 -20.45
C SER A 251 -28.63 13.19 -21.85
N ALA A 252 -27.43 13.72 -22.08
CA ALA A 252 -26.71 13.51 -23.33
C ALA A 252 -25.59 12.48 -23.19
N SER A 253 -25.56 11.75 -22.08
CA SER A 253 -24.48 10.81 -21.83
C SER A 253 -24.33 9.81 -22.97
N ALA A 254 -25.44 9.35 -23.54
CA ALA A 254 -25.37 8.39 -24.64
C ALA A 254 -24.85 9.00 -25.92
N ALA A 255 -24.72 10.32 -25.98
CA ALA A 255 -24.10 11.03 -27.09
C ALA A 255 -23.01 11.96 -26.58
N ARG A 256 -22.23 11.47 -25.61
CA ARG A 256 -21.31 12.33 -24.87
C ARG A 256 -20.27 12.97 -25.79
N THR A 257 -19.66 12.17 -26.66
CA THR A 257 -18.61 12.70 -27.52
C THR A 257 -19.15 13.78 -28.44
N LEU A 258 -20.30 13.55 -29.06
CA LEU A 258 -20.92 14.57 -29.90
C LEU A 258 -21.26 15.82 -29.09
N ALA A 259 -21.80 15.63 -27.88
CA ALA A 259 -22.23 16.77 -27.07
C ALA A 259 -21.06 17.70 -26.77
N LEU A 260 -19.96 17.16 -26.26
CA LEU A 260 -18.81 18.00 -25.94
C LEU A 260 -18.23 18.64 -27.19
N GLN A 261 -18.19 17.87 -28.28
CA GLN A 261 -17.59 18.33 -29.52
C GLN A 261 -18.35 19.50 -30.14
N GLN A 262 -19.69 19.53 -30.00
CA GLN A 262 -20.50 20.50 -30.71
C GLN A 262 -21.03 21.63 -29.84
N ALA A 263 -20.98 21.50 -28.52
CA ALA A 263 -21.50 22.55 -27.65
C ALA A 263 -20.82 23.88 -27.96
N ASP A 264 -21.60 24.95 -27.91
CA ASP A 264 -21.07 26.31 -28.04
C ASP A 264 -21.03 27.05 -26.72
N VAL A 265 -21.68 26.53 -25.68
CA VAL A 265 -21.56 27.03 -24.31
C VAL A 265 -21.58 25.82 -23.39
N ILE A 266 -20.54 25.65 -22.57
CA ILE A 266 -20.52 24.63 -21.53
C ILE A 266 -20.58 25.32 -20.17
N PHE A 267 -21.36 24.74 -19.27
CA PHE A 267 -21.56 25.23 -17.92
C PHE A 267 -20.96 24.18 -16.99
N LEU A 268 -19.77 24.46 -16.48
CA LEU A 268 -19.10 23.59 -15.52
C LEU A 268 -19.70 23.81 -14.13
N MET A 269 -20.27 22.76 -13.56
CA MET A 269 -20.84 22.81 -12.21
C MET A 269 -20.04 21.86 -11.32
N GLY A 270 -19.10 22.41 -10.56
CA GLY A 270 -18.27 21.57 -9.70
C GLY A 270 -17.56 20.48 -10.46
N ALA A 271 -17.08 20.79 -11.66
CA ALA A 271 -16.31 19.88 -12.48
C ALA A 271 -15.10 20.62 -13.02
N ARG A 272 -13.99 19.92 -13.14
CA ARG A 272 -12.75 20.49 -13.66
C ARG A 272 -12.57 20.07 -15.11
N LEU A 273 -11.95 20.96 -15.89
CA LEU A 273 -11.47 20.64 -17.23
C LEU A 273 -10.09 20.00 -17.14
N ASN A 274 -10.02 18.93 -16.34
CA ASN A 274 -8.84 18.08 -16.29
C ASN A 274 -9.05 16.93 -17.27
N TRP A 275 -8.35 15.82 -17.07
CA TRP A 275 -8.38 14.74 -18.05
C TRP A 275 -9.77 14.14 -18.21
N ILE A 276 -10.59 14.16 -17.14
CA ILE A 276 -11.90 13.50 -17.21
C ILE A 276 -12.77 14.15 -18.27
N PHE A 277 -12.68 15.47 -18.42
CA PHE A 277 -13.40 16.19 -19.46
C PHE A 277 -12.48 16.69 -20.56
N HIS A 278 -11.31 16.05 -20.72
CA HIS A 278 -10.45 16.25 -21.89
C HIS A 278 -10.02 17.71 -22.05
N PHE A 279 -9.86 18.41 -20.95
CA PHE A 279 -9.21 19.72 -20.87
C PHE A 279 -9.98 20.82 -21.57
N GLY A 280 -11.19 20.56 -22.06
CA GLY A 280 -11.95 21.59 -22.72
C GLY A 280 -11.39 22.07 -24.03
N LEU A 281 -10.55 21.26 -24.68
CA LEU A 281 -9.78 21.67 -25.83
C LEU A 281 -10.12 20.82 -27.04
N PRO A 282 -9.90 21.34 -28.25
CA PRO A 282 -10.00 20.50 -29.43
C PRO A 282 -8.95 19.40 -29.37
N PRO A 283 -9.23 18.23 -29.97
CA PRO A 283 -10.34 17.89 -30.85
C PRO A 283 -11.64 17.50 -30.17
N ARG A 284 -11.66 17.49 -28.83
CA ARG A 284 -12.84 17.04 -28.12
C ARG A 284 -13.86 18.15 -27.92
N TYR A 285 -13.46 19.40 -28.08
CA TYR A 285 -14.36 20.54 -27.95
C TYR A 285 -14.22 21.45 -29.16
N ALA A 286 -15.27 22.22 -29.42
CA ALA A 286 -15.17 23.31 -30.37
C ALA A 286 -14.09 24.29 -29.90
N LYS A 287 -13.29 24.78 -30.84
CA LYS A 287 -12.19 25.68 -30.48
C LYS A 287 -12.69 26.99 -29.90
N ASP A 288 -13.93 27.39 -30.22
CA ASP A 288 -14.48 28.67 -29.76
C ASP A 288 -15.57 28.50 -28.71
N VAL A 289 -15.67 27.31 -28.09
CA VAL A 289 -16.67 27.10 -27.07
C VAL A 289 -16.46 28.09 -25.94
N LYS A 290 -17.56 28.58 -25.36
CA LYS A 290 -17.52 29.53 -24.26
C LYS A 290 -17.93 28.82 -22.97
N VAL A 291 -17.32 29.20 -21.87
CA VAL A 291 -17.39 28.43 -20.63
C VAL A 291 -18.04 29.28 -19.54
N ILE A 292 -19.06 28.72 -18.91
CA ILE A 292 -19.54 29.17 -17.61
C ILE A 292 -18.98 28.20 -16.59
N GLN A 293 -18.27 28.73 -15.58
CA GLN A 293 -17.57 27.89 -14.62
C GLN A 293 -18.00 28.24 -13.20
N LEU A 294 -18.52 27.24 -12.49
CA LEU A 294 -18.91 27.36 -11.09
C LEU A 294 -17.99 26.50 -10.25
N ASP A 295 -17.12 27.14 -9.47
CA ASP A 295 -16.15 26.43 -8.64
C ASP A 295 -15.87 27.24 -7.40
N ILE A 296 -15.55 26.55 -6.31
CA ILE A 296 -15.24 27.24 -5.06
C ILE A 296 -13.80 27.75 -5.03
N ALA A 297 -12.92 27.16 -5.84
CA ALA A 297 -11.50 27.49 -5.82
C ALA A 297 -11.20 28.53 -6.88
N PRO A 298 -10.81 29.76 -6.53
CA PRO A 298 -10.58 30.78 -7.57
C PRO A 298 -9.52 30.38 -8.58
N GLU A 299 -8.46 29.70 -8.13
CA GLU A 299 -7.35 29.40 -9.03
C GLU A 299 -7.75 28.47 -10.17
N GLU A 300 -8.86 27.76 -10.04
CA GLU A 300 -9.32 26.86 -11.10
C GLU A 300 -10.03 27.59 -12.24
N ILE A 301 -10.34 28.87 -12.06
CA ILE A 301 -11.15 29.61 -13.03
C ILE A 301 -10.26 29.98 -14.22
N GLY A 302 -10.58 29.40 -15.39
CA GLY A 302 -9.79 29.59 -16.58
C GLY A 302 -8.68 28.59 -16.76
N HIS A 303 -8.62 27.57 -15.91
CA HIS A 303 -7.62 26.51 -16.06
C HIS A 303 -7.80 25.81 -17.40
N ASN A 304 -6.74 25.79 -18.19
CA ASN A 304 -6.68 25.15 -19.50
C ASN A 304 -7.50 25.87 -20.56
N LYS A 305 -8.73 26.30 -20.23
CA LYS A 305 -9.61 26.95 -21.19
C LYS A 305 -10.12 28.25 -20.56
N PRO A 306 -10.02 29.39 -21.25
CA PRO A 306 -10.53 30.63 -20.67
C PRO A 306 -12.01 30.53 -20.34
N THR A 307 -12.41 31.20 -19.27
CA THR A 307 -13.78 31.21 -18.80
C THR A 307 -14.45 32.53 -19.20
N GLU A 308 -15.68 32.43 -19.73
CA GLU A 308 -16.42 33.63 -20.11
C GLU A 308 -17.13 34.24 -18.92
N VAL A 309 -17.81 33.43 -18.11
CA VAL A 309 -18.51 33.87 -16.91
C VAL A 309 -18.07 33.00 -15.75
N ALA A 310 -17.51 33.63 -14.72
CA ALA A 310 -17.03 32.92 -13.54
C ALA A 310 -18.01 33.06 -12.40
N LEU A 311 -18.37 31.94 -11.79
CA LEU A 311 -19.28 31.88 -10.64
C LEU A 311 -18.52 31.22 -9.49
N VAL A 312 -17.78 32.03 -8.73
CA VAL A 312 -16.89 31.50 -7.70
C VAL A 312 -17.62 31.52 -6.36
N GLY A 313 -17.78 30.34 -5.78
CA GLY A 313 -18.49 30.19 -4.52
C GLY A 313 -19.06 28.79 -4.41
N ASP A 314 -20.05 28.66 -3.54
CA ASP A 314 -20.64 27.36 -3.24
C ASP A 314 -21.66 26.96 -4.31
N GLY A 315 -21.58 25.71 -4.78
CA GLY A 315 -22.45 25.27 -5.85
C GLY A 315 -23.91 25.38 -5.51
N LYS A 316 -24.29 24.97 -4.29
N LYS A 316 -24.29 24.97 -4.29
CA LYS A 316 -25.70 24.99 -3.92
CA LYS A 316 -25.70 24.99 -3.91
C LYS A 316 -26.23 26.42 -3.79
C LYS A 316 -26.24 26.41 -3.77
N ALA A 317 -25.47 27.30 -3.14
CA ALA A 317 -25.92 28.67 -2.98
C ALA A 317 -26.00 29.40 -4.31
N ILE A 318 -25.02 29.19 -5.20
CA ILE A 318 -24.99 29.91 -6.46
C ILE A 318 -26.08 29.41 -7.40
N MET A 319 -26.30 28.09 -7.44
CA MET A 319 -27.39 27.58 -8.26
C MET A 319 -28.74 28.09 -7.77
N ALA A 320 -28.87 28.31 -6.45
CA ALA A 320 -30.08 28.94 -5.93
C ALA A 320 -30.24 30.34 -6.50
N GLN A 321 -29.13 31.09 -6.60
CA GLN A 321 -29.19 32.42 -7.21
C GLN A 321 -29.73 32.35 -8.64
N LEU A 322 -29.20 31.42 -9.43
CA LEU A 322 -29.60 31.33 -10.83
C LEU A 322 -31.07 30.97 -10.96
N ASN A 323 -31.57 30.10 -10.08
CA ASN A 323 -32.99 29.74 -10.13
C ASN A 323 -33.86 30.94 -9.81
N LYS A 324 -33.48 31.73 -8.81
CA LYS A 324 -34.24 32.95 -8.50
C LYS A 324 -34.23 33.90 -9.68
N ALA A 325 -33.07 34.05 -10.32
CA ALA A 325 -32.96 34.99 -11.44
C ALA A 325 -33.73 34.51 -12.65
N LEU A 326 -33.89 33.20 -12.80
CA LEU A 326 -34.65 32.66 -13.94
C LEU A 326 -36.13 32.97 -13.84
N VAL A 327 -36.61 33.44 -12.68
CA VAL A 327 -38.01 33.84 -12.58
C VAL A 327 -38.29 35.07 -13.43
N ASN A 328 -37.32 35.96 -13.56
CA ASN A 328 -37.49 37.19 -14.30
C ASN A 328 -37.11 37.06 -15.77
N ARG A 329 -37.03 35.83 -16.27
CA ARG A 329 -36.61 35.57 -17.64
C ARG A 329 -37.64 34.69 -18.35
N GLN A 330 -37.89 35.01 -19.61
CA GLN A 330 -38.72 34.20 -20.48
C GLN A 330 -37.95 33.05 -21.11
N TRP A 331 -36.62 33.16 -21.19
CA TRP A 331 -35.85 32.21 -21.99
C TRP A 331 -35.91 30.79 -21.43
N PHE A 332 -35.94 29.83 -22.35
CA PHE A 332 -35.69 28.43 -22.06
C PHE A 332 -35.21 27.80 -23.36
N HIS A 333 -34.51 26.68 -23.26
CA HIS A 333 -34.06 26.01 -24.46
C HIS A 333 -35.21 25.24 -25.11
N PRO A 334 -35.59 25.55 -26.35
CA PRO A 334 -36.73 24.87 -26.95
C PRO A 334 -36.50 23.36 -27.08
N LYS A 335 -37.59 22.61 -26.99
CA LYS A 335 -37.51 21.15 -26.98
C LYS A 335 -37.13 20.57 -28.32
N ASP A 336 -37.28 21.34 -29.40
CA ASP A 336 -37.13 20.84 -30.76
C ASP A 336 -36.04 21.57 -31.55
N THR A 337 -35.07 22.16 -30.85
CA THR A 337 -33.95 22.79 -31.55
C THR A 337 -33.17 21.72 -32.32
N PRO A 338 -32.40 22.14 -33.33
CA PRO A 338 -31.51 21.17 -33.99
C PRO A 338 -30.57 20.50 -33.00
N TRP A 339 -30.16 21.23 -31.96
CA TRP A 339 -29.32 20.66 -30.90
C TRP A 339 -29.99 19.45 -30.27
N ARG A 340 -31.21 19.62 -29.77
CA ARG A 340 -31.92 18.51 -29.14
C ARG A 340 -32.12 17.36 -30.13
N GLN A 341 -32.45 17.66 -31.38
CA GLN A 341 -32.66 16.61 -32.37
C GLN A 341 -31.36 15.86 -32.66
N ALA A 342 -30.25 16.58 -32.75
CA ALA A 342 -28.97 15.94 -33.05
C ALA A 342 -28.56 14.99 -31.92
N LEU A 343 -28.68 15.45 -30.67
CA LEU A 343 -28.29 14.62 -29.55
C LEU A 343 -29.18 13.38 -29.43
N THR A 344 -30.49 13.57 -29.60
CA THR A 344 -31.40 12.44 -29.58
C THR A 344 -31.06 11.43 -30.67
N LYS A 345 -30.78 11.90 -31.87
CA LYS A 345 -30.48 11.01 -32.99
C LYS A 345 -29.20 10.21 -32.73
N LYS A 346 -28.14 10.88 -32.29
CA LYS A 346 -26.87 10.18 -32.04
C LYS A 346 -26.99 9.21 -30.88
N ALA A 347 -27.62 9.65 -29.78
CA ALA A 347 -27.84 8.74 -28.65
C ALA A 347 -28.49 7.45 -29.12
N ALA A 348 -29.52 7.55 -29.96
CA ALA A 348 -30.22 6.36 -30.43
C ALA A 348 -29.31 5.46 -31.25
N GLU A 349 -28.49 6.05 -32.12
CA GLU A 349 -27.58 5.25 -32.93
C GLU A 349 -26.53 4.57 -32.06
N ASN A 350 -26.01 5.26 -31.04
CA ASN A 350 -25.03 4.64 -30.17
C ASN A 350 -25.63 3.49 -29.37
N VAL A 351 -26.85 3.68 -28.86
CA VAL A 351 -27.52 2.62 -28.11
C VAL A 351 -27.80 1.43 -29.03
N ALA A 352 -28.15 1.72 -30.30
CA ALA A 352 -28.44 0.64 -31.24
C ALA A 352 -27.18 -0.14 -31.60
N THR A 353 -26.04 0.55 -31.72
CA THR A 353 -24.79 -0.13 -32.00
C THR A 353 -24.42 -1.10 -30.89
N ILE A 354 -24.79 -0.79 -29.65
CA ILE A 354 -24.42 -1.62 -28.50
C ILE A 354 -25.44 -2.71 -28.22
N LYS A 355 -26.69 -2.55 -28.65
CA LYS A 355 -27.73 -3.51 -28.31
C LYS A 355 -27.36 -4.95 -28.61
N PRO A 356 -26.79 -5.29 -29.78
CA PRO A 356 -26.41 -6.70 -30.01
C PRO A 356 -25.55 -7.28 -28.91
N GLN A 357 -24.68 -6.46 -28.29
CA GLN A 357 -23.84 -6.96 -27.20
C GLN A 357 -24.65 -7.17 -25.93
N VAL A 358 -25.60 -6.27 -25.66
CA VAL A 358 -26.45 -6.41 -24.47
C VAL A 358 -27.24 -7.71 -24.55
N ASP A 359 -27.76 -8.05 -25.73
CA ASP A 359 -28.63 -9.21 -25.89
C ASP A 359 -27.87 -10.50 -26.19
N ASP A 360 -26.55 -10.46 -26.31
CA ASP A 360 -25.79 -11.64 -26.64
C ASP A 360 -25.75 -12.58 -25.43
N ASP A 361 -26.49 -13.68 -25.51
CA ASP A 361 -26.56 -14.65 -24.43
C ASP A 361 -25.52 -15.76 -24.57
N GLN A 362 -24.63 -15.67 -25.56
CA GLN A 362 -23.59 -16.67 -25.71
C GLN A 362 -22.57 -16.53 -24.60
N GLY A 363 -22.11 -17.66 -24.07
CA GLY A 363 -21.11 -17.68 -23.03
C GLY A 363 -19.72 -17.89 -23.59
N PRO A 364 -18.69 -17.33 -22.91
CA PRO A 364 -18.78 -16.52 -21.69
C PRO A 364 -19.32 -15.12 -21.96
N ALA A 365 -19.91 -14.50 -20.94
CA ALA A 365 -20.56 -13.22 -21.11
C ALA A 365 -19.55 -12.11 -21.39
N GLY A 366 -19.97 -11.14 -22.21
CA GLY A 366 -19.25 -9.90 -22.36
C GLY A 366 -19.70 -8.88 -21.32
N TYR A 367 -19.01 -7.73 -21.31
CA TYR A 367 -19.35 -6.67 -20.36
C TYR A 367 -20.84 -6.34 -20.42
N TYR A 368 -21.34 -6.03 -21.62
CA TYR A 368 -22.70 -5.53 -21.73
C TYR A 368 -23.74 -6.59 -21.38
N ARG A 369 -23.46 -7.86 -21.68
CA ARG A 369 -24.39 -8.92 -21.31
C ARG A 369 -24.43 -9.12 -19.80
N ALA A 370 -23.25 -9.18 -19.17
CA ALA A 370 -23.20 -9.33 -17.72
C ALA A 370 -23.86 -8.14 -17.02
N LEU A 371 -23.58 -6.92 -17.49
CA LEU A 371 -24.15 -5.73 -16.87
C LEU A 371 -25.64 -5.59 -17.13
N ARG A 372 -26.18 -6.31 -18.12
CA ARG A 372 -27.62 -6.32 -18.30
C ARG A 372 -28.32 -6.88 -17.07
N ASP A 373 -27.80 -7.98 -16.51
CA ASP A 373 -28.39 -8.56 -15.32
C ASP A 373 -28.11 -7.71 -14.09
N VAL A 374 -26.90 -7.15 -13.98
CA VAL A 374 -26.58 -6.29 -12.86
C VAL A 374 -27.51 -5.09 -12.83
N ALA A 375 -27.72 -4.46 -13.99
CA ALA A 375 -28.58 -3.29 -14.05
C ALA A 375 -30.00 -3.60 -13.60
N ALA A 376 -30.55 -4.73 -14.06
CA ALA A 376 -31.91 -5.09 -13.67
C ALA A 376 -31.99 -5.40 -12.18
N TRP A 377 -30.88 -5.82 -11.58
CA TRP A 377 -30.85 -6.28 -10.18
C TRP A 377 -30.48 -5.17 -9.20
N MET A 378 -29.91 -4.06 -9.68
CA MET A 378 -29.52 -2.97 -8.80
C MET A 378 -30.71 -2.43 -8.02
N PRO A 379 -30.64 -2.37 -6.69
CA PRO A 379 -31.66 -1.63 -5.93
C PRO A 379 -31.55 -0.14 -6.21
N LYS A 380 -32.70 0.52 -6.30
CA LYS A 380 -32.71 1.94 -6.66
C LYS A 380 -32.02 2.81 -5.61
N ASN A 381 -32.06 2.40 -4.35
CA ASN A 381 -31.46 3.18 -3.26
C ASN A 381 -30.04 2.71 -2.94
N ALA A 382 -29.42 1.92 -3.80
CA ALA A 382 -28.09 1.40 -3.52
C ALA A 382 -27.03 2.49 -3.67
N ILE A 383 -25.96 2.34 -2.90
CA ILE A 383 -24.71 3.04 -3.16
C ILE A 383 -23.85 2.12 -4.02
N LEU A 384 -23.40 2.63 -5.17
CA LEU A 384 -22.64 1.83 -6.13
C LEU A 384 -21.15 2.18 -6.01
N SER A 385 -20.35 1.17 -5.67
CA SER A 385 -18.90 1.25 -5.70
C SER A 385 -18.41 0.48 -6.93
N ALA A 386 -17.48 1.09 -7.67
CA ALA A 386 -16.99 0.48 -8.91
C ALA A 386 -15.49 0.69 -9.02
N GLU A 387 -14.78 -0.33 -9.48
CA GLU A 387 -13.32 -0.25 -9.60
C GLU A 387 -12.84 -1.19 -10.71
N GLY A 388 -11.97 -0.68 -11.55
CA GLY A 388 -11.44 -1.44 -12.67
C GLY A 388 -11.21 -0.51 -13.85
N ALA A 389 -11.04 -1.13 -15.02
CA ALA A 389 -10.98 -0.38 -16.27
C ALA A 389 -12.26 -0.64 -17.03
N GLY A 390 -12.31 -1.63 -17.93
CA GLY A 390 -13.55 -1.90 -18.64
C GLY A 390 -14.73 -2.13 -17.72
N THR A 391 -14.53 -2.93 -16.66
CA THR A 391 -15.60 -3.20 -15.72
C THR A 391 -16.17 -1.90 -15.14
N MET A 392 -15.30 -0.96 -14.82
CA MET A 392 -15.74 0.29 -14.20
C MET A 392 -16.32 1.24 -15.23
N ASP A 393 -15.60 1.46 -16.33
CA ASP A 393 -16.02 2.45 -17.31
C ASP A 393 -17.33 2.04 -17.99
N ILE A 394 -17.47 0.76 -18.35
CA ILE A 394 -18.73 0.29 -18.91
C ILE A 394 -19.80 0.21 -17.82
N GLY A 395 -19.42 -0.29 -16.64
CA GLY A 395 -20.39 -0.41 -15.57
C GLY A 395 -21.10 0.89 -15.25
N LEU A 396 -20.37 2.00 -15.27
CA LEU A 396 -20.95 3.28 -14.88
C LEU A 396 -21.77 3.93 -16.00
N THR A 397 -21.63 3.48 -17.25
CA THR A 397 -22.54 3.93 -18.29
C THR A 397 -23.84 3.13 -18.29
N GLN A 398 -23.79 1.88 -17.83
CA GLN A 398 -24.94 0.98 -17.90
C GLN A 398 -25.77 0.95 -16.62
N LEU A 399 -25.23 1.42 -15.50
CA LEU A 399 -25.91 1.38 -14.21
C LEU A 399 -26.32 2.80 -13.84
N ALA A 400 -27.61 3.08 -13.94
CA ALA A 400 -28.11 4.44 -13.76
C ALA A 400 -28.19 4.83 -12.30
N SER A 401 -27.86 6.08 -12.01
CA SER A 401 -27.95 6.63 -10.67
C SER A 401 -29.15 7.55 -10.56
N SER A 402 -29.83 7.49 -9.41
CA SER A 402 -30.96 8.37 -9.13
C SER A 402 -30.69 9.32 -7.96
N ASN A 403 -29.67 9.05 -7.15
CA ASN A 403 -29.33 9.88 -6.00
C ASN A 403 -27.88 10.33 -6.11
N ALA A 404 -27.60 11.50 -5.55
CA ALA A 404 -26.24 12.04 -5.52
C ALA A 404 -25.41 11.36 -4.43
N ARG A 405 -24.09 11.50 -4.55
CA ARG A 405 -23.15 10.91 -3.60
C ARG A 405 -23.42 9.42 -3.41
N SER A 406 -23.85 8.75 -4.48
CA SER A 406 -24.16 7.32 -4.44
C SER A 406 -23.31 6.53 -5.45
N VAL A 407 -22.25 7.13 -5.95
CA VAL A 407 -21.27 6.44 -6.79
C VAL A 407 -19.89 6.71 -6.23
N LEU A 408 -19.11 5.64 -6.05
CA LEU A 408 -17.71 5.74 -5.65
C LEU A 408 -16.90 4.91 -6.64
N ASN A 409 -15.91 5.54 -7.26
CA ASN A 409 -15.09 4.82 -8.23
C ASN A 409 -13.64 5.27 -8.04
N ALA A 410 -12.79 4.97 -9.04
CA ALA A 410 -11.36 5.20 -8.90
C ALA A 410 -11.00 6.67 -8.76
N GLY A 411 -11.86 7.57 -9.22
CA GLY A 411 -11.71 8.98 -8.94
C GLY A 411 -10.70 9.71 -9.80
N THR A 412 -10.42 10.94 -9.38
CA THR A 412 -9.53 11.82 -10.13
C THR A 412 -8.15 11.20 -10.35
N TYR A 413 -7.67 10.42 -9.39
CA TYR A 413 -6.35 9.80 -9.44
C TYR A 413 -6.35 8.46 -10.15
N GLY A 414 -7.53 7.95 -10.53
CA GLY A 414 -7.59 6.66 -11.21
C GLY A 414 -7.00 5.52 -10.41
N THR A 415 -7.22 5.53 -9.10
CA THR A 415 -6.53 4.62 -8.20
C THR A 415 -7.16 3.24 -8.17
N MET A 416 -6.34 2.21 -8.37
CA MET A 416 -6.69 0.85 -8.01
C MET A 416 -6.29 0.64 -6.56
N GLY A 417 -7.15 -0.04 -5.80
CA GLY A 417 -6.92 -0.27 -4.39
C GLY A 417 -7.86 0.48 -3.48
N VAL A 418 -8.77 1.30 -4.02
CA VAL A 418 -9.76 1.99 -3.22
C VAL A 418 -11.02 1.18 -3.01
N GLY A 419 -11.20 0.09 -3.76
CA GLY A 419 -12.46 -0.60 -3.85
C GLY A 419 -13.16 -0.89 -2.55
N LEU A 420 -12.65 -1.86 -1.78
CA LEU A 420 -13.35 -2.29 -0.58
C LEU A 420 -13.26 -1.25 0.53
N GLY A 421 -12.19 -0.45 0.55
CA GLY A 421 -12.16 0.67 1.46
C GLY A 421 -13.33 1.62 1.24
N GLN A 422 -13.61 1.95 -0.02
CA GLN A 422 -14.71 2.85 -0.32
C GLN A 422 -16.05 2.15 -0.12
N ALA A 423 -16.13 0.85 -0.45
CA ALA A 423 -17.35 0.09 -0.16
C ALA A 423 -17.63 0.10 1.33
N ILE A 424 -16.60 -0.15 2.14
CA ILE A 424 -16.78 -0.18 3.59
C ILE A 424 -17.18 1.19 4.12
N ALA A 425 -16.60 2.26 3.56
CA ALA A 425 -16.99 3.61 3.94
C ALA A 425 -18.47 3.84 3.64
N ALA A 426 -18.92 3.42 2.45
CA ALA A 426 -20.33 3.54 2.11
C ALA A 426 -21.19 2.77 3.10
N ALA A 427 -20.74 1.57 3.51
CA ALA A 427 -21.58 0.69 4.30
C ALA A 427 -21.76 1.21 5.73
N VAL A 428 -20.74 1.85 6.29
CA VAL A 428 -20.85 2.40 7.64
C VAL A 428 -21.39 3.83 7.65
N SER A 429 -21.38 4.51 6.49
CA SER A 429 -21.94 5.86 6.43
C SER A 429 -23.45 5.84 6.49
N ASP A 430 -24.07 4.79 5.97
CA ASP A 430 -25.53 4.65 5.97
C ASP A 430 -25.90 3.18 5.92
N PRO A 431 -25.97 2.50 7.06
CA PRO A 431 -26.29 1.06 7.05
C PRO A 431 -27.67 0.74 6.49
N SER A 432 -28.54 1.72 6.34
CA SER A 432 -29.90 1.49 5.85
C SER A 432 -29.96 1.33 4.34
N ARG A 433 -28.85 1.50 3.62
CA ARG A 433 -28.84 1.39 2.18
C ARG A 433 -27.92 0.27 1.73
N PRO A 434 -28.31 -0.53 0.74
CA PRO A 434 -27.41 -1.56 0.23
C PRO A 434 -26.22 -0.95 -0.48
N VAL A 435 -25.10 -1.66 -0.44
CA VAL A 435 -23.87 -1.23 -1.08
C VAL A 435 -23.43 -2.31 -2.07
N ILE A 436 -23.30 -1.94 -3.33
CA ILE A 436 -22.86 -2.85 -4.39
C ILE A 436 -21.45 -2.43 -4.79
N HIS A 437 -20.54 -3.40 -4.86
CA HIS A 437 -19.18 -3.15 -5.30
C HIS A 437 -18.94 -3.93 -6.59
N LEU A 438 -18.89 -3.21 -7.71
CA LEU A 438 -18.62 -3.79 -9.02
C LEU A 438 -17.12 -3.68 -9.29
N SER A 439 -16.46 -4.81 -9.55
CA SER A 439 -15.01 -4.83 -9.63
C SER A 439 -14.54 -5.71 -10.77
N GLY A 440 -13.45 -5.30 -11.42
CA GLY A 440 -12.72 -6.20 -12.26
C GLY A 440 -11.89 -7.15 -11.42
N ASP A 441 -11.37 -8.20 -12.07
CA ASP A 441 -10.62 -9.20 -11.32
C ASP A 441 -9.27 -8.67 -10.87
N SER A 442 -8.65 -7.77 -11.63
CA SER A 442 -7.40 -7.17 -11.16
C SER A 442 -7.65 -6.28 -9.95
N ALA A 443 -8.66 -5.41 -10.03
CA ALA A 443 -8.90 -4.43 -8.97
C ALA A 443 -9.11 -5.12 -7.62
N ILE A 444 -9.85 -6.22 -7.59
CA ILE A 444 -10.18 -6.86 -6.32
C ILE A 444 -8.93 -7.44 -5.65
N GLY A 445 -7.86 -7.69 -6.40
CA GLY A 445 -6.64 -8.20 -5.82
C GLY A 445 -5.85 -7.18 -5.03
N PHE A 446 -6.11 -5.89 -5.25
CA PHE A 446 -5.40 -4.85 -4.51
C PHE A 446 -5.83 -4.83 -3.04
N SER A 447 -7.13 -5.04 -2.78
CA SER A 447 -7.69 -4.89 -1.44
C SER A 447 -8.51 -6.11 -1.03
N GLY A 448 -8.33 -7.24 -1.72
CA GLY A 448 -9.21 -8.38 -1.51
C GLY A 448 -9.26 -8.89 -0.09
N MET A 449 -8.17 -8.76 0.67
CA MET A 449 -8.16 -9.29 2.03
C MET A 449 -9.15 -8.57 2.94
N GLU A 450 -9.66 -7.40 2.53
CA GLU A 450 -10.66 -6.72 3.34
C GLU A 450 -11.98 -7.48 3.37
N MET A 451 -12.12 -8.57 2.60
CA MET A 451 -13.30 -9.41 2.74
C MET A 451 -13.44 -9.92 4.16
N GLU A 452 -12.30 -10.27 4.78
CA GLU A 452 -12.31 -10.66 6.19
C GLU A 452 -12.89 -9.54 7.05
N THR A 453 -12.51 -8.29 6.76
CA THR A 453 -13.08 -7.15 7.47
C THR A 453 -14.59 -7.08 7.29
N LEU A 454 -15.07 -7.38 6.09
CA LEU A 454 -16.51 -7.32 5.84
C LEU A 454 -17.26 -8.32 6.72
N VAL A 455 -16.72 -9.53 6.86
CA VAL A 455 -17.37 -10.53 7.71
C VAL A 455 -17.23 -10.15 9.18
N ARG A 456 -16.06 -9.64 9.56
CA ARG A 456 -15.80 -9.33 10.97
C ARG A 456 -16.78 -8.29 11.50
N TYR A 457 -17.09 -7.28 10.70
CA TYR A 457 -17.99 -6.21 11.11
C TYR A 457 -19.38 -6.33 10.51
N ASN A 458 -19.71 -7.50 9.94
CA ASN A 458 -21.06 -7.77 9.46
C ASN A 458 -21.54 -6.72 8.47
N LEU A 459 -20.66 -6.35 7.54
CA LEU A 459 -20.97 -5.35 6.54
C LEU A 459 -21.42 -6.05 5.26
N PRO A 460 -22.70 -5.99 4.89
CA PRO A 460 -23.23 -6.82 3.79
C PRO A 460 -22.99 -6.21 2.41
N VAL A 461 -21.73 -5.92 2.09
CA VAL A 461 -21.39 -5.45 0.76
C VAL A 461 -21.58 -6.58 -0.23
N LYS A 462 -22.24 -6.29 -1.34
CA LYS A 462 -22.47 -7.26 -2.41
C LYS A 462 -21.47 -7.00 -3.53
N ILE A 463 -20.47 -7.87 -3.66
CA ILE A 463 -19.41 -7.69 -4.64
C ILE A 463 -19.76 -8.46 -5.91
N VAL A 464 -19.55 -7.82 -7.05
CA VAL A 464 -19.72 -8.45 -8.36
C VAL A 464 -18.40 -8.29 -9.08
N VAL A 465 -17.73 -9.41 -9.34
CA VAL A 465 -16.45 -9.41 -10.04
C VAL A 465 -16.70 -9.84 -11.48
N LEU A 466 -16.30 -9.01 -12.42
CA LEU A 466 -16.25 -9.37 -13.84
C LEU A 466 -14.83 -9.85 -14.13
N ASN A 467 -14.69 -11.14 -14.44
CA ASN A 467 -13.41 -11.84 -14.41
C ASN A 467 -12.99 -12.19 -15.83
N ASN A 468 -12.07 -11.42 -16.39
CA ASN A 468 -11.50 -11.70 -17.71
C ASN A 468 -10.03 -12.11 -17.63
N GLY A 469 -9.54 -12.43 -16.43
CA GLY A 469 -8.20 -12.97 -16.28
C GLY A 469 -7.06 -11.99 -16.52
N GLY A 470 -7.23 -10.74 -16.15
CA GLY A 470 -6.10 -9.81 -16.18
C GLY A 470 -6.53 -8.36 -16.16
N ILE A 471 -5.51 -7.51 -16.19
CA ILE A 471 -5.65 -6.07 -16.40
C ILE A 471 -6.06 -5.89 -17.85
N GLY A 472 -7.36 -5.85 -18.11
CA GLY A 472 -7.86 -6.09 -19.44
C GLY A 472 -7.83 -7.57 -19.71
N PRO A 473 -8.29 -7.99 -20.89
CA PRO A 473 -8.37 -9.43 -21.17
C PRO A 473 -7.01 -10.10 -21.06
N GLY A 474 -7.00 -11.26 -20.41
CA GLY A 474 -5.80 -12.06 -20.25
C GLY A 474 -5.66 -13.10 -21.35
N MET A 475 -5.07 -14.23 -20.99
CA MET A 475 -4.88 -15.35 -21.90
C MET A 475 -5.83 -16.48 -21.54
N PRO A 476 -6.14 -17.37 -22.49
CA PRO A 476 -7.04 -18.49 -22.16
C PRO A 476 -6.47 -19.41 -21.10
N GLU A 477 -5.15 -19.63 -21.11
CA GLU A 477 -4.49 -20.44 -20.10
C GLU A 477 -3.15 -19.81 -19.74
N ILE A 478 -2.62 -20.21 -18.60
CA ILE A 478 -1.29 -19.77 -18.18
C ILE A 478 -0.26 -20.60 -18.94
N PRO A 479 0.63 -19.98 -19.71
CA PRO A 479 1.61 -20.74 -20.49
C PRO A 479 2.77 -21.23 -19.62
N GLU A 480 3.54 -22.14 -20.20
CA GLU A 480 4.76 -22.60 -19.56
C GLU A 480 5.80 -21.50 -19.55
N ASN A 481 6.67 -21.52 -18.53
CA ASN A 481 7.67 -20.48 -18.37
C ASN A 481 6.97 -19.12 -18.29
N PRO A 482 6.06 -18.94 -17.33
CA PRO A 482 5.21 -17.73 -17.35
C PRO A 482 5.96 -16.43 -17.14
N MET A 483 7.10 -16.44 -16.46
CA MET A 483 7.82 -15.20 -16.23
C MET A 483 8.29 -14.56 -17.54
N PHE A 484 8.35 -15.33 -18.62
CA PHE A 484 8.72 -14.81 -19.93
C PHE A 484 7.59 -14.90 -20.95
N ASN A 485 6.63 -15.82 -20.77
CA ASN A 485 5.59 -16.05 -21.77
C ASN A 485 4.22 -15.54 -21.35
N LEU A 486 3.99 -15.29 -20.07
CA LEU A 486 2.71 -14.74 -19.63
C LEU A 486 2.67 -13.23 -19.87
N LYS A 487 1.63 -12.76 -20.55
N LYS A 487 1.63 -12.76 -20.55
CA LYS A 487 1.50 -11.34 -20.78
CA LYS A 487 1.49 -11.34 -20.77
C LYS A 487 1.55 -10.59 -19.45
C LYS A 487 1.56 -10.60 -19.45
N PRO A 488 2.23 -9.44 -19.39
CA PRO A 488 2.32 -8.72 -18.11
C PRO A 488 0.99 -8.43 -17.46
N ASN A 489 -0.07 -8.24 -18.25
CA ASN A 489 -1.37 -7.86 -17.73
C ASN A 489 -2.20 -9.05 -17.26
N ALA A 490 -1.71 -10.28 -17.43
CA ALA A 490 -2.54 -11.46 -17.29
C ALA A 490 -2.58 -11.96 -15.85
N LEU A 491 -3.75 -12.45 -15.44
CA LEU A 491 -3.97 -13.10 -14.16
C LEU A 491 -4.64 -14.45 -14.41
N ILE A 492 -4.74 -15.26 -13.37
CA ILE A 492 -5.45 -16.52 -13.50
C ILE A 492 -6.87 -16.22 -14.00
N TYR A 493 -7.23 -16.83 -15.12
CA TYR A 493 -8.53 -16.62 -15.74
C TYR A 493 -9.58 -17.38 -14.96
N GLY A 494 -10.57 -16.67 -14.43
CA GLY A 494 -11.54 -17.29 -13.55
C GLY A 494 -11.01 -17.62 -12.18
N ALA A 495 -10.01 -16.87 -11.71
CA ALA A 495 -9.55 -17.03 -10.33
C ALA A 495 -10.74 -16.94 -9.39
N ARG A 496 -10.77 -17.84 -8.39
CA ARG A 496 -11.97 -18.07 -7.59
C ARG A 496 -12.00 -17.13 -6.39
N TYR A 497 -12.23 -15.85 -6.69
CA TYR A 497 -12.43 -14.86 -5.63
C TYR A 497 -13.69 -15.16 -4.84
N ASP A 498 -14.66 -15.85 -5.46
CA ASP A 498 -15.84 -16.28 -4.71
C ASP A 498 -15.44 -17.23 -3.58
N LYS A 499 -14.47 -18.11 -3.83
N LYS A 499 -14.48 -18.12 -3.84
CA LYS A 499 -14.01 -19.02 -2.79
CA LYS A 499 -14.01 -19.02 -2.79
C LYS A 499 -13.20 -18.29 -1.72
C LYS A 499 -13.19 -18.30 -1.73
N VAL A 500 -12.68 -17.11 -2.02
CA VAL A 500 -12.02 -16.31 -1.00
C VAL A 500 -13.06 -15.74 -0.03
N MET A 501 -14.16 -15.23 -0.57
CA MET A 501 -15.23 -14.74 0.29
C MET A 501 -15.80 -15.87 1.15
N GLU A 502 -16.04 -17.03 0.55
CA GLU A 502 -16.45 -18.20 1.31
C GLU A 502 -15.47 -18.50 2.44
N ALA A 503 -14.17 -18.43 2.16
CA ALA A 503 -13.16 -18.76 3.16
C ALA A 503 -13.37 -17.97 4.44
N PHE A 504 -13.67 -16.67 4.32
CA PHE A 504 -13.79 -15.80 5.48
C PHE A 504 -15.17 -15.82 6.11
N GLY A 505 -16.16 -16.45 5.48
CA GLY A 505 -17.48 -16.57 6.06
C GLY A 505 -18.59 -15.83 5.34
N GLY A 506 -18.35 -15.36 4.12
CA GLY A 506 -19.39 -14.76 3.30
C GLY A 506 -19.92 -15.74 2.27
N LYS A 507 -20.77 -15.21 1.39
CA LYS A 507 -21.41 -16.00 0.34
C LYS A 507 -20.71 -15.77 -0.98
N GLY A 508 -20.09 -16.82 -1.51
CA GLY A 508 -19.40 -16.76 -2.79
C GLY A 508 -20.12 -17.61 -3.83
N ILE A 509 -20.27 -17.06 -5.04
CA ILE A 509 -20.96 -17.73 -6.13
C ILE A 509 -20.15 -17.56 -7.40
N PHE A 510 -19.88 -18.66 -8.09
CA PHE A 510 -19.10 -18.68 -9.32
C PHE A 510 -20.04 -18.95 -10.50
N VAL A 511 -20.00 -18.06 -11.49
CA VAL A 511 -20.92 -18.10 -12.62
C VAL A 511 -20.12 -18.14 -13.90
N LYS A 512 -20.30 -19.20 -14.69
CA LYS A 512 -19.68 -19.32 -16.01
C LYS A 512 -20.67 -19.06 -17.13
N GLU A 513 -21.94 -19.40 -16.95
CA GLU A 513 -22.97 -19.30 -17.99
C GLU A 513 -23.80 -18.04 -17.79
N PRO A 514 -23.98 -17.20 -18.81
CA PRO A 514 -24.79 -15.99 -18.63
C PRO A 514 -26.17 -16.24 -18.06
N LYS A 515 -26.80 -17.37 -18.40
CA LYS A 515 -28.15 -17.63 -17.92
C LYS A 515 -28.23 -17.78 -16.41
N ASP A 516 -27.10 -17.98 -15.73
CA ASP A 516 -27.07 -18.16 -14.29
C ASP A 516 -26.68 -16.90 -13.53
N ILE A 517 -26.45 -15.78 -14.22
CA ILE A 517 -25.95 -14.58 -13.56
C ILE A 517 -26.99 -14.04 -12.58
N ARG A 518 -28.23 -13.86 -13.05
CA ARG A 518 -29.23 -13.21 -12.20
C ARG A 518 -29.56 -14.06 -10.99
N LYS A 519 -29.57 -15.38 -11.12
CA LYS A 519 -29.84 -16.23 -9.97
C LYS A 519 -28.75 -16.07 -8.92
N ALA A 520 -27.48 -15.95 -9.34
CA ALA A 520 -26.39 -15.72 -8.41
C ALA A 520 -26.54 -14.36 -7.73
N LEU A 521 -26.89 -13.33 -8.50
CA LEU A 521 -27.07 -12.01 -7.91
C LEU A 521 -28.17 -12.02 -6.85
N ASP A 522 -29.32 -12.61 -7.17
CA ASP A 522 -30.41 -12.69 -6.21
C ASP A 522 -29.98 -13.44 -4.95
N GLU A 523 -29.25 -14.55 -5.12
CA GLU A 523 -28.81 -15.31 -3.97
C GLU A 523 -27.82 -14.52 -3.12
N ALA A 524 -26.90 -13.79 -3.77
CA ALA A 524 -25.97 -12.94 -3.04
C ALA A 524 -26.71 -11.87 -2.24
N MET A 525 -27.71 -11.23 -2.85
CA MET A 525 -28.46 -10.18 -2.18
C MET A 525 -29.24 -10.74 -0.99
N ALA A 526 -29.77 -11.96 -1.13
CA ALA A 526 -30.59 -12.54 -0.05
C ALA A 526 -29.75 -12.92 1.17
N PHE A 527 -28.51 -13.35 0.95
CA PHE A 527 -27.63 -13.69 2.06
C PHE A 527 -27.44 -12.51 2.99
N LYS A 528 -27.64 -12.74 4.28
N LYS A 528 -27.61 -12.74 4.29
CA LYS A 528 -27.54 -11.69 5.30
CA LYS A 528 -27.54 -11.67 5.28
C LYS A 528 -26.07 -11.52 5.70
C LYS A 528 -26.09 -11.48 5.72
N GLY A 529 -25.32 -10.91 4.79
CA GLY A 529 -23.92 -10.65 5.01
C GLY A 529 -23.21 -10.35 3.70
N PRO A 530 -21.89 -10.22 3.76
CA PRO A 530 -21.13 -9.93 2.53
C PRO A 530 -21.20 -11.07 1.54
N ALA A 531 -21.15 -10.73 0.25
CA ALA A 531 -21.25 -11.71 -0.81
C ALA A 531 -20.37 -11.29 -1.97
N LEU A 532 -19.97 -12.29 -2.77
CA LEU A 532 -19.17 -12.05 -3.96
C LEU A 532 -19.65 -13.00 -5.06
N VAL A 533 -20.14 -12.43 -6.15
CA VAL A 533 -20.50 -13.18 -7.34
C VAL A 533 -19.38 -13.02 -8.36
N ASN A 534 -18.73 -14.11 -8.71
CA ASN A 534 -17.56 -14.11 -9.59
C ASN A 534 -18.01 -14.59 -10.97
N VAL A 535 -18.09 -13.65 -11.91
CA VAL A 535 -18.65 -13.89 -13.24
C VAL A 535 -17.52 -14.05 -14.23
N VAL A 536 -17.46 -15.21 -14.90
CA VAL A 536 -16.48 -15.40 -15.96
C VAL A 536 -16.84 -14.48 -17.13
N LEU A 537 -15.84 -13.76 -17.63
CA LEU A 537 -16.02 -12.78 -18.68
C LEU A 537 -15.33 -13.23 -19.96
N SER A 538 -15.92 -12.86 -21.09
CA SER A 538 -15.26 -13.06 -22.37
C SER A 538 -13.95 -12.30 -22.39
N GLN A 539 -12.95 -12.86 -23.05
CA GLN A 539 -11.67 -12.19 -23.27
C GLN A 539 -11.62 -11.48 -24.61
N GLY A 540 -12.70 -11.50 -25.38
CA GLY A 540 -12.77 -10.81 -26.65
C GLY A 540 -13.34 -9.42 -26.56
N SER B 2 18.97 0.24 -35.62
CA SER B 2 18.80 1.56 -36.20
C SER B 2 18.05 2.49 -35.26
N GLU B 3 17.10 1.92 -34.53
CA GLU B 3 16.29 2.67 -33.59
C GLU B 3 15.85 1.80 -32.42
N VAL B 4 15.84 2.40 -31.24
CA VAL B 4 15.39 1.75 -30.02
C VAL B 4 14.35 2.64 -29.35
N ASP B 5 13.26 2.05 -28.87
CA ASP B 5 12.25 2.79 -28.14
C ASP B 5 12.59 2.82 -26.65
N GLY B 6 11.94 3.74 -25.93
CA GLY B 6 12.26 3.93 -24.52
C GLY B 6 12.00 2.70 -23.67
N ALA B 7 10.87 2.04 -23.89
CA ALA B 7 10.56 0.83 -23.13
C ALA B 7 11.65 -0.21 -23.32
N THR B 8 12.08 -0.42 -24.58
CA THR B 8 13.09 -1.43 -24.86
C THR B 8 14.43 -1.05 -24.24
N LEU B 9 14.77 0.23 -24.27
CA LEU B 9 16.11 0.64 -23.83
C LEU B 9 16.27 0.55 -22.32
N ILE B 10 15.20 0.83 -21.56
CA ILE B 10 15.31 0.74 -20.11
C ILE B 10 15.35 -0.73 -19.69
N ALA B 11 14.59 -1.58 -20.37
CA ALA B 11 14.69 -3.02 -20.11
C ALA B 11 16.07 -3.53 -20.47
N ARG B 12 16.59 -3.12 -21.62
CA ARG B 12 17.94 -3.49 -22.03
C ARG B 12 18.97 -3.00 -21.01
N SER B 13 18.76 -1.81 -20.45
CA SER B 13 19.71 -1.26 -19.48
C SER B 13 19.64 -2.02 -18.15
N LEU B 14 18.46 -2.47 -17.75
CA LEU B 14 18.36 -3.30 -16.55
C LEU B 14 19.17 -4.58 -16.73
N LYS B 15 19.02 -5.24 -17.88
CA LYS B 15 19.79 -6.45 -18.16
C LYS B 15 21.28 -6.17 -18.15
N GLN B 16 21.69 -5.06 -18.79
CA GLN B 16 23.10 -4.67 -18.80
C GLN B 16 23.66 -4.59 -17.39
N GLN B 17 22.86 -4.10 -16.44
CA GLN B 17 23.31 -3.97 -15.06
C GLN B 17 23.17 -5.27 -14.27
N GLY B 18 22.76 -6.36 -14.91
CA GLY B 18 22.68 -7.64 -14.23
C GLY B 18 21.43 -7.85 -13.43
N ILE B 19 20.36 -7.14 -13.75
CA ILE B 19 19.08 -7.29 -13.05
C ILE B 19 18.23 -8.27 -13.85
N ASP B 20 17.98 -9.46 -13.28
CA ASP B 20 17.38 -10.56 -14.02
C ASP B 20 15.89 -10.72 -13.79
N HIS B 21 15.29 -10.03 -12.82
CA HIS B 21 13.86 -10.07 -12.59
C HIS B 21 13.33 -8.65 -12.40
N LEU B 22 12.05 -8.48 -12.72
CA LEU B 22 11.37 -7.19 -12.61
C LEU B 22 9.98 -7.43 -12.05
N PHE B 23 9.66 -6.80 -10.93
CA PHE B 23 8.35 -6.90 -10.30
C PHE B 23 7.55 -5.65 -10.60
N GLY B 24 6.23 -5.80 -10.77
CA GLY B 24 5.43 -4.63 -11.05
C GLY B 24 3.96 -4.95 -11.14
N VAL B 25 3.18 -3.91 -11.45
CA VAL B 25 1.78 -4.01 -11.82
C VAL B 25 1.58 -3.08 -13.01
N VAL B 26 1.19 -3.63 -14.16
CA VAL B 26 1.21 -2.85 -15.39
C VAL B 26 -0.06 -2.02 -15.53
N GLY B 27 -0.21 -1.37 -16.68
CA GLY B 27 -1.16 -0.30 -16.89
C GLY B 27 -0.47 0.93 -17.43
N PHE B 28 -1.26 1.94 -17.74
CA PHE B 28 -0.72 3.16 -18.30
C PHE B 28 0.35 3.73 -17.35
N PRO B 29 1.55 4.10 -17.85
CA PRO B 29 2.07 3.99 -19.21
C PRO B 29 3.23 3.00 -19.33
N ILE B 30 3.32 2.04 -18.41
CA ILE B 30 4.53 1.22 -18.25
C ILE B 30 4.35 -0.20 -18.74
N THR B 31 3.19 -0.57 -19.28
CA THR B 31 3.01 -1.95 -19.73
C THR B 31 4.08 -2.33 -20.74
N ALA B 32 4.49 -1.40 -21.60
CA ALA B 32 5.50 -1.71 -22.61
C ALA B 32 6.86 -2.03 -21.98
N ILE B 33 7.15 -1.47 -20.80
CA ILE B 33 8.41 -1.77 -20.13
C ILE B 33 8.44 -3.23 -19.68
N ALA B 34 7.33 -3.71 -19.10
CA ALA B 34 7.26 -5.10 -18.70
C ALA B 34 7.39 -6.03 -19.90
N ALA B 35 6.67 -5.72 -20.98
CA ALA B 35 6.78 -6.53 -22.19
C ALA B 35 8.20 -6.53 -22.74
N ALA B 36 8.86 -5.37 -22.71
CA ALA B 36 10.22 -5.29 -23.22
C ALA B 36 11.19 -6.08 -22.35
N ALA B 37 10.98 -6.06 -21.03
CA ALA B 37 11.82 -6.83 -20.12
C ALA B 37 11.84 -8.30 -20.52
N GLN B 38 10.66 -8.86 -20.83
CA GLN B 38 10.60 -10.27 -21.19
C GLN B 38 11.39 -10.55 -22.45
N LYS B 39 11.39 -9.61 -23.40
CA LYS B 39 12.15 -9.80 -24.62
C LYS B 39 13.64 -9.57 -24.45
N GLU B 40 14.04 -8.86 -23.39
CA GLU B 40 15.44 -8.56 -23.13
C GLU B 40 16.07 -9.48 -22.09
N GLY B 41 15.42 -10.58 -21.74
CA GLY B 41 15.97 -11.54 -20.81
C GLY B 41 15.74 -11.20 -19.35
N VAL B 42 14.82 -10.29 -19.04
CA VAL B 42 14.50 -9.92 -17.67
C VAL B 42 13.13 -10.52 -17.36
N ALA B 43 13.11 -11.48 -16.43
CA ALA B 43 11.85 -12.11 -16.04
C ALA B 43 10.93 -11.08 -15.38
N TYR B 44 9.65 -11.14 -15.73
CA TYR B 44 8.65 -10.23 -15.17
C TYR B 44 7.66 -10.99 -14.31
N LEU B 45 7.41 -10.50 -13.11
CA LEU B 45 6.39 -11.03 -12.21
C LEU B 45 5.34 -9.94 -12.00
N GLY B 46 4.12 -10.17 -12.47
CA GLY B 46 3.03 -9.27 -12.24
C GLY B 46 2.39 -9.52 -10.90
N MET B 47 2.49 -8.56 -9.99
CA MET B 47 2.00 -8.71 -8.63
C MET B 47 0.54 -8.23 -8.55
N ARG B 48 -0.02 -8.29 -7.35
CA ARG B 48 -1.39 -7.83 -7.11
C ARG B 48 -1.44 -6.46 -6.44
N ASN B 49 -0.30 -5.93 -6.00
CA ASN B 49 -0.25 -4.61 -5.40
C ASN B 49 1.19 -4.11 -5.50
N GLU B 50 1.35 -2.80 -5.71
CA GLU B 50 2.69 -2.25 -5.85
C GLU B 50 3.48 -2.39 -4.55
N GLN B 51 2.81 -2.44 -3.40
CA GLN B 51 3.49 -2.70 -2.15
C GLN B 51 4.36 -3.95 -2.25
N SER B 52 3.75 -5.06 -2.62
CA SER B 52 4.48 -6.32 -2.71
C SER B 52 5.58 -6.25 -3.76
N ALA B 53 5.31 -5.60 -4.89
CA ALA B 53 6.31 -5.49 -5.94
C ALA B 53 7.54 -4.72 -5.46
N ALA B 54 7.32 -3.61 -4.77
CA ALA B 54 8.44 -2.80 -4.30
C ALA B 54 9.17 -3.47 -3.14
N TYR B 55 8.45 -4.17 -2.28
CA TYR B 55 9.10 -4.90 -1.20
C TYR B 55 9.90 -6.08 -1.75
N ALA B 56 9.37 -6.76 -2.77
CA ALA B 56 10.11 -7.84 -3.40
C ALA B 56 11.40 -7.32 -4.02
N ALA B 57 11.31 -6.19 -4.74
CA ALA B 57 12.48 -5.59 -5.34
C ALA B 57 13.58 -5.37 -4.30
N ALA B 58 13.22 -4.78 -3.16
CA ALA B 58 14.22 -4.46 -2.14
C ALA B 58 14.91 -5.73 -1.63
N ALA B 59 14.12 -6.75 -1.31
CA ALA B 59 14.70 -8.00 -0.82
C ALA B 59 15.51 -8.69 -1.91
N TYR B 60 15.01 -8.66 -3.14
CA TYR B 60 15.76 -9.23 -4.26
C TYR B 60 17.13 -8.58 -4.38
N GLY B 61 17.22 -7.27 -4.15
CA GLY B 61 18.51 -6.61 -4.20
C GLY B 61 19.47 -7.16 -3.18
N TYR B 62 19.02 -7.30 -1.94
CA TYR B 62 19.82 -7.92 -0.88
C TYR B 62 20.27 -9.32 -1.27
N LEU B 63 19.37 -10.12 -1.84
CA LEU B 63 19.68 -11.51 -2.12
C LEU B 63 20.65 -11.68 -3.28
N THR B 64 20.62 -10.77 -4.26
CA THR B 64 21.40 -10.94 -5.48
C THR B 64 22.68 -10.12 -5.52
N GLY B 65 22.76 -9.03 -4.76
CA GLY B 65 23.91 -8.17 -4.81
C GLY B 65 23.85 -7.12 -5.90
N ARG B 66 22.89 -7.20 -6.80
CA ARG B 66 22.58 -6.17 -7.76
C ARG B 66 21.23 -5.55 -7.41
N PRO B 67 20.94 -4.35 -7.89
CA PRO B 67 19.68 -3.70 -7.49
C PRO B 67 18.48 -4.53 -7.89
N GLY B 68 17.50 -4.61 -6.98
CA GLY B 68 16.19 -5.05 -7.35
C GLY B 68 15.45 -3.96 -8.10
N ALA B 69 14.56 -4.38 -8.99
CA ALA B 69 13.82 -3.44 -9.83
C ALA B 69 12.33 -3.66 -9.70
N ALA B 70 11.59 -2.56 -9.56
CA ALA B 70 10.14 -2.56 -9.64
C ALA B 70 9.70 -1.50 -10.64
N VAL B 71 8.58 -1.77 -11.30
CA VAL B 71 8.00 -0.84 -12.26
C VAL B 71 6.54 -0.63 -11.89
N VAL B 72 6.13 0.63 -11.75
CA VAL B 72 4.79 0.98 -11.31
C VAL B 72 4.24 2.07 -12.21
N VAL B 73 2.92 2.21 -12.19
CA VAL B 73 2.22 3.15 -13.06
C VAL B 73 2.36 4.57 -12.51
N THR B 74 1.85 5.54 -13.27
CA THR B 74 1.75 6.93 -12.86
C THR B 74 1.02 7.10 -11.53
N GLY B 75 1.29 8.21 -10.83
CA GLY B 75 0.46 8.64 -9.73
C GLY B 75 0.39 7.64 -8.58
N PRO B 76 -0.79 7.05 -8.35
CA PRO B 76 -0.91 6.13 -7.22
C PRO B 76 0.05 4.96 -7.29
N GLY B 77 0.47 4.56 -8.48
CA GLY B 77 1.48 3.51 -8.57
C GLY B 77 2.75 3.89 -7.83
N VAL B 78 3.20 5.13 -8.01
CA VAL B 78 4.41 5.57 -7.30
C VAL B 78 4.13 5.71 -5.82
N VAL B 79 2.98 6.28 -5.45
CA VAL B 79 2.66 6.47 -4.04
C VAL B 79 2.65 5.13 -3.32
N HIS B 80 2.00 4.12 -3.92
CA HIS B 80 2.08 2.77 -3.36
C HIS B 80 3.51 2.28 -3.32
N GLY B 81 4.30 2.58 -4.35
CA GLY B 81 5.67 2.11 -4.43
C GLY B 81 6.61 2.74 -3.43
N LEU B 82 6.23 3.90 -2.87
CA LEU B 82 7.06 4.52 -1.84
C LEU B 82 7.34 3.56 -0.69
N SER B 83 6.39 2.65 -0.42
CA SER B 83 6.57 1.68 0.64
C SER B 83 7.89 0.94 0.49
N GLY B 84 8.21 0.51 -0.74
CA GLY B 84 9.44 -0.24 -0.95
C GLY B 84 10.68 0.63 -0.87
N LEU B 85 10.60 1.87 -1.38
CA LEU B 85 11.72 2.79 -1.27
C LEU B 85 12.11 2.99 0.19
N ALA B 86 11.12 3.23 1.05
CA ALA B 86 11.39 3.41 2.46
C ALA B 86 12.05 2.17 3.06
N ASN B 87 11.55 0.98 2.70
CA ASN B 87 12.10 -0.24 3.27
C ASN B 87 13.53 -0.48 2.79
N ALA B 88 13.82 -0.17 1.53
CA ALA B 88 15.18 -0.31 1.03
C ALA B 88 16.11 0.69 1.70
N GLN B 89 15.65 1.93 1.88
CA GLN B 89 16.44 2.92 2.60
C GLN B 89 16.77 2.45 4.01
N GLN B 90 15.77 1.91 4.71
CA GLN B 90 15.95 1.57 6.12
C GLN B 90 16.86 0.37 6.28
N ASN B 91 16.72 -0.64 5.43
CA ASN B 91 17.51 -1.86 5.53
C ASN B 91 18.86 -1.75 4.85
N CYS B 92 19.14 -0.65 4.15
CA CYS B 92 20.35 -0.51 3.35
C CYS B 92 20.40 -1.57 2.25
N TRP B 93 19.31 -1.66 1.49
CA TRP B 93 19.19 -2.59 0.39
C TRP B 93 19.09 -1.85 -0.93
N PRO B 94 19.66 -2.40 -2.01
CA PRO B 94 19.65 -1.69 -3.29
C PRO B 94 18.40 -1.96 -4.11
N MET B 95 17.76 -0.91 -4.62
CA MET B 95 16.66 -1.10 -5.55
C MET B 95 16.53 0.12 -6.44
N ILE B 96 15.91 -0.09 -7.60
CA ILE B 96 15.48 0.97 -8.51
C ILE B 96 13.97 0.86 -8.64
N LEU B 97 13.26 1.93 -8.29
CA LEU B 97 11.84 2.04 -8.60
C LEU B 97 11.69 2.84 -9.88
N ILE B 98 11.12 2.22 -10.91
CA ILE B 98 10.83 2.87 -12.18
C ILE B 98 9.37 3.30 -12.15
N GLY B 99 9.14 4.61 -12.09
CA GLY B 99 7.80 5.16 -12.04
C GLY B 99 7.41 5.77 -13.37
N GLY B 100 6.27 5.31 -13.90
CA GLY B 100 5.69 5.98 -15.04
C GLY B 100 5.29 7.40 -14.69
N ALA B 101 5.42 8.30 -15.66
CA ALA B 101 5.01 9.69 -15.50
C ALA B 101 4.15 10.10 -16.67
N SER B 102 3.23 11.03 -16.41
CA SER B 102 2.33 11.51 -17.45
C SER B 102 3.10 12.28 -18.51
N GLU B 103 2.42 12.57 -19.62
CA GLU B 103 3.05 13.21 -20.77
C GLU B 103 3.70 14.53 -20.36
N THR B 104 4.93 14.75 -20.84
CA THR B 104 5.66 15.96 -20.48
C THR B 104 4.90 17.20 -20.94
N TYR B 105 4.28 17.14 -22.12
CA TYR B 105 3.58 18.30 -22.68
C TYR B 105 2.21 18.54 -22.05
N ARG B 106 1.82 17.74 -21.06
CA ARG B 106 0.58 17.95 -20.33
C ARG B 106 0.81 18.55 -18.94
N GLY B 107 2.03 18.97 -18.64
CA GLY B 107 2.34 19.53 -17.35
C GLY B 107 1.45 20.69 -16.97
N GLY B 108 0.84 20.60 -15.79
CA GLY B 108 -0.01 21.66 -15.28
C GLY B 108 -1.46 21.61 -15.72
N MET B 109 -1.83 20.66 -16.57
CA MET B 109 -3.18 20.61 -17.12
C MET B 109 -4.12 19.68 -16.35
N GLY B 110 -3.59 18.89 -15.43
CA GLY B 110 -4.41 17.91 -14.74
C GLY B 110 -4.52 16.61 -15.51
N ALA B 111 -3.41 16.15 -16.07
CA ALA B 111 -3.41 14.92 -16.86
C ALA B 111 -3.76 13.72 -15.98
N PHE B 112 -4.16 12.64 -16.64
CA PHE B 112 -4.45 11.40 -15.94
C PHE B 112 -3.23 11.00 -15.12
N GLN B 113 -3.41 10.97 -13.78
CA GLN B 113 -2.38 10.52 -12.85
C GLN B 113 -1.13 11.39 -12.93
N GLU B 114 -1.32 12.69 -13.13
CA GLU B 114 -0.23 13.64 -12.99
C GLU B 114 0.16 13.78 -11.52
N GLU B 115 1.46 13.77 -11.25
CA GLU B 115 1.95 13.83 -9.88
C GLU B 115 3.40 14.29 -9.87
N ARG B 116 3.79 14.92 -8.75
CA ARG B 116 5.16 15.38 -8.55
C ARG B 116 5.97 14.23 -7.97
N GLN B 117 6.36 13.31 -8.85
CA GLN B 117 6.79 12.00 -8.39
C GLN B 117 8.23 12.00 -7.88
N VAL B 118 9.11 12.76 -8.53
CA VAL B 118 10.47 12.89 -8.00
C VAL B 118 10.42 13.59 -6.65
N LEU B 119 9.51 14.56 -6.50
CA LEU B 119 9.39 15.27 -5.24
C LEU B 119 9.00 14.34 -4.11
N ILE B 120 7.98 13.51 -4.31
CA ILE B 120 7.47 12.68 -3.23
C ILE B 120 8.37 11.47 -2.95
N ALA B 121 9.16 11.03 -3.92
CA ALA B 121 10.06 9.90 -3.74
C ALA B 121 11.41 10.31 -3.18
N SER B 122 11.81 11.56 -3.35
CA SER B 122 13.16 11.98 -3.00
C SER B 122 13.53 11.68 -1.55
N PRO B 123 12.67 11.90 -0.56
CA PRO B 123 13.11 11.68 0.83
C PRO B 123 13.60 10.28 1.12
N PHE B 124 13.23 9.29 0.30
CA PHE B 124 13.58 7.90 0.55
C PHE B 124 14.79 7.41 -0.24
N CYS B 125 15.40 8.26 -1.07
CA CYS B 125 16.30 7.81 -2.12
C CYS B 125 17.70 8.38 -1.98
N LYS B 126 18.69 7.55 -2.31
CA LYS B 126 20.04 8.05 -2.52
C LYS B 126 20.14 8.84 -3.83
N PHE B 127 19.29 8.51 -4.80
CA PHE B 127 19.30 9.17 -6.10
C PHE B 127 17.90 9.09 -6.67
N ALA B 128 17.36 10.22 -7.10
CA ALA B 128 16.03 10.30 -7.67
C ALA B 128 16.03 11.34 -8.78
N HIS B 129 15.59 10.94 -9.97
CA HIS B 129 15.70 11.84 -11.10
C HIS B 129 14.69 11.44 -12.17
N GLY B 130 14.24 12.43 -12.93
CA GLY B 130 13.42 12.19 -14.09
C GLY B 130 14.29 11.98 -15.32
N ILE B 131 13.86 11.07 -16.19
CA ILE B 131 14.56 10.77 -17.43
C ILE B 131 13.95 11.66 -18.52
N GLU B 132 14.73 12.62 -19.01
CA GLU B 132 14.21 13.62 -19.93
C GLU B 132 14.23 13.18 -21.38
N SER B 133 15.02 12.17 -21.73
CA SER B 133 15.14 11.75 -23.11
C SER B 133 15.39 10.25 -23.19
N VAL B 134 15.01 9.66 -24.33
CA VAL B 134 15.31 8.25 -24.58
C VAL B 134 16.81 8.03 -24.61
N ALA B 135 17.56 8.98 -25.20
CA ALA B 135 18.97 8.77 -25.45
C ALA B 135 19.75 8.53 -24.17
N ARG B 136 19.34 9.14 -23.06
CA ARG B 136 20.10 9.05 -21.83
C ARG B 136 19.52 8.04 -20.84
N ILE B 137 18.57 7.21 -21.29
CA ILE B 137 18.08 6.13 -20.43
C ILE B 137 19.24 5.30 -19.88
N PRO B 138 20.20 4.82 -20.69
CA PRO B 138 21.29 4.03 -20.13
C PRO B 138 22.10 4.77 -19.08
N PHE B 139 22.35 6.06 -19.28
CA PHE B 139 23.07 6.84 -18.29
C PHE B 139 22.37 6.79 -16.94
N TYR B 140 21.06 7.02 -16.93
CA TYR B 140 20.35 7.11 -15.66
C TYR B 140 20.26 5.76 -14.97
N VAL B 141 20.10 4.68 -15.73
CA VAL B 141 20.04 3.36 -15.12
C VAL B 141 21.39 2.98 -14.54
N GLU B 142 22.48 3.37 -15.21
CA GLU B 142 23.80 3.14 -14.64
C GLU B 142 24.00 3.95 -13.37
N MET B 143 23.62 5.22 -13.39
CA MET B 143 23.81 6.07 -12.22
C MET B 143 22.94 5.60 -11.05
N ALA B 144 21.68 5.25 -11.33
CA ALA B 144 20.84 4.68 -10.29
C ALA B 144 21.48 3.43 -9.71
N THR B 145 21.98 2.55 -10.57
CA THR B 145 22.60 1.32 -10.11
C THR B 145 23.80 1.61 -9.21
N ARG B 146 24.70 2.50 -9.65
CA ARG B 146 25.88 2.81 -8.86
C ARG B 146 25.49 3.33 -7.48
N ASN B 147 24.57 4.29 -7.43
CA ASN B 147 24.17 4.84 -6.14
C ASN B 147 23.41 3.83 -5.28
N ALA B 148 22.82 2.80 -5.88
CA ALA B 148 22.10 1.81 -5.09
C ALA B 148 23.02 0.82 -4.39
N ILE B 149 24.10 0.39 -5.05
CA ILE B 149 24.93 -0.69 -4.52
C ILE B 149 26.30 -0.25 -4.02
N TYR B 150 26.69 0.99 -4.23
CA TYR B 150 27.96 1.49 -3.69
C TYR B 150 27.74 2.13 -2.32
N GLY B 151 28.75 2.05 -1.48
CA GLY B 151 28.66 2.58 -0.13
C GLY B 151 27.59 1.85 0.66
N ARG B 152 26.93 2.59 1.54
CA ARG B 152 25.73 2.06 2.19
C ARG B 152 24.64 1.91 1.12
N PRO B 153 24.20 0.70 0.79
CA PRO B 153 23.20 0.56 -0.27
C PRO B 153 21.89 1.24 0.10
N GLY B 154 21.12 1.57 -0.92
CA GLY B 154 19.89 2.30 -0.68
C GLY B 154 19.02 2.36 -1.91
N ALA B 155 17.97 3.16 -1.80
CA ALA B 155 16.92 3.22 -2.81
C ALA B 155 17.19 4.32 -3.83
N THR B 156 16.70 4.09 -5.05
CA THR B 156 16.80 5.07 -6.13
C THR B 156 15.51 5.04 -6.93
N TYR B 157 15.19 6.17 -7.55
CA TYR B 157 13.95 6.33 -8.29
C TYR B 157 14.21 6.99 -9.64
N LEU B 158 13.57 6.47 -10.68
CA LEU B 158 13.67 7.01 -12.02
C LEU B 158 12.27 7.28 -12.56
N ASP B 159 12.05 8.51 -13.02
CA ASP B 159 10.77 8.93 -13.60
C ASP B 159 10.84 8.76 -15.11
N MET B 160 9.86 8.05 -15.68
CA MET B 160 9.82 7.75 -17.12
C MET B 160 8.53 8.28 -17.72
N PRO B 161 8.53 9.48 -18.29
CA PRO B 161 7.32 10.02 -18.92
C PRO B 161 6.80 9.11 -20.01
N ASP B 162 5.49 9.23 -20.28
CA ASP B 162 4.82 8.41 -21.28
C ASP B 162 5.40 8.65 -22.67
N ASP B 163 5.67 9.91 -23.01
CA ASP B 163 6.24 10.19 -24.33
C ASP B 163 7.71 9.81 -24.43
N ILE B 164 8.36 9.49 -23.31
CA ILE B 164 9.70 8.91 -23.36
C ILE B 164 9.62 7.40 -23.56
N ILE B 165 8.73 6.74 -22.83
CA ILE B 165 8.56 5.30 -23.00
C ILE B 165 8.24 4.97 -24.45
N ARG B 166 7.38 5.77 -25.08
CA ARG B 166 6.99 5.55 -26.46
C ARG B 166 7.95 6.18 -27.47
N GLY B 167 8.78 7.11 -27.02
CA GLY B 167 9.74 7.74 -27.92
C GLY B 167 10.78 6.75 -28.42
N THR B 168 11.54 7.19 -29.41
CA THR B 168 12.57 6.38 -30.04
C THR B 168 13.82 7.21 -30.22
N CYS B 169 14.92 6.53 -30.48
CA CYS B 169 16.22 7.17 -30.63
C CYS B 169 17.10 6.33 -31.53
N GLU B 170 17.80 6.99 -32.46
CA GLU B 170 18.80 6.32 -33.27
C GLU B 170 19.89 5.74 -32.38
N THR B 171 20.43 4.59 -32.79
CA THR B 171 21.44 3.92 -31.96
C THR B 171 22.68 4.78 -31.79
N ASP B 172 23.08 5.49 -32.85
CA ASP B 172 24.28 6.32 -32.74
C ASP B 172 24.11 7.48 -31.76
N LYS B 173 22.89 7.76 -31.32
CA LYS B 173 22.63 8.86 -30.42
C LYS B 173 22.40 8.41 -28.98
N ILE B 174 22.29 7.10 -28.74
CA ILE B 174 22.05 6.60 -27.39
C ILE B 174 23.29 6.86 -26.53
N ALA B 175 23.06 7.20 -25.25
CA ALA B 175 24.16 7.42 -24.33
C ALA B 175 24.92 6.13 -24.10
N GLN B 176 26.25 6.25 -24.04
CA GLN B 176 27.07 5.10 -23.72
C GLN B 176 26.97 4.79 -22.22
N ALA B 177 26.92 3.50 -21.89
CA ALA B 177 26.90 3.09 -20.49
C ALA B 177 27.56 1.73 -20.39
N GLU B 178 27.93 1.36 -19.16
CA GLU B 178 28.58 0.09 -18.88
C GLU B 178 27.99 -0.50 -17.62
N ARG B 179 28.04 -1.83 -17.52
CA ARG B 179 27.68 -2.49 -16.28
C ARG B 179 28.49 -1.90 -15.12
N VAL B 180 27.80 -1.52 -14.06
CA VAL B 180 28.46 -0.97 -12.87
C VAL B 180 29.28 -2.10 -12.24
N PRO B 181 30.60 -1.96 -12.14
CA PRO B 181 31.40 -3.02 -11.52
C PRO B 181 31.01 -3.25 -10.07
N GLU B 182 31.34 -4.44 -9.56
CA GLU B 182 31.15 -4.72 -8.15
C GLU B 182 31.82 -3.62 -7.34
N ALA B 183 31.20 -3.25 -6.22
CA ALA B 183 31.61 -2.06 -5.50
C ALA B 183 33.09 -2.14 -5.13
N PRO B 184 33.83 -1.04 -5.21
CA PRO B 184 35.23 -1.07 -4.75
C PRO B 184 35.29 -1.25 -3.24
N ARG B 185 36.33 -1.95 -2.81
N ARG B 185 36.32 -1.96 -2.80
CA ARG B 185 36.51 -2.27 -1.40
CA ARG B 185 36.50 -2.26 -1.39
C ARG B 185 37.48 -1.29 -0.75
C ARG B 185 37.47 -1.30 -0.75
N SER B 186 37.18 -0.91 0.48
CA SER B 186 38.08 -0.15 1.33
C SER B 186 38.38 -1.01 2.55
N VAL B 187 39.60 -0.87 3.08
CA VAL B 187 40.05 -1.67 4.20
C VAL B 187 40.58 -0.74 5.29
N ALA B 188 40.85 -1.32 6.44
CA ALA B 188 41.30 -0.56 7.60
C ALA B 188 42.81 -0.36 7.57
N PRO B 189 43.30 0.75 8.14
CA PRO B 189 44.75 0.88 8.32
C PRO B 189 45.28 -0.21 9.26
N ALA B 190 46.56 -0.54 9.09
CA ALA B 190 47.14 -1.64 9.85
C ALA B 190 47.02 -1.40 11.35
N GLU B 191 47.22 -0.16 11.80
CA GLU B 191 47.17 0.11 13.23
C GLU B 191 45.77 -0.11 13.80
N ASN B 192 44.73 0.18 13.03
CA ASN B 192 43.37 -0.06 13.53
C ASN B 192 43.09 -1.54 13.67
N VAL B 193 43.56 -2.35 12.72
CA VAL B 193 43.40 -3.80 12.82
C VAL B 193 44.08 -4.32 14.09
N GLU B 194 45.29 -3.85 14.37
CA GLU B 194 45.99 -4.31 15.57
C GLU B 194 45.31 -3.78 16.84
N ALA B 195 44.85 -2.52 16.81
CA ALA B 195 44.14 -1.97 17.96
C ALA B 195 42.88 -2.75 18.27
N ALA B 196 42.21 -3.27 17.24
CA ALA B 196 41.02 -4.10 17.46
C ALA B 196 41.39 -5.38 18.20
N LEU B 197 42.43 -6.07 17.73
CA LEU B 197 42.86 -7.30 18.38
C LEU B 197 43.41 -7.03 19.77
N ASP B 198 44.08 -5.89 19.96
CA ASP B 198 44.56 -5.52 21.30
C ASP B 198 43.38 -5.40 22.27
N LEU B 199 42.31 -4.73 21.84
CA LEU B 199 41.16 -4.55 22.73
C LEU B 199 40.51 -5.89 23.05
N LEU B 200 40.38 -6.77 22.06
CA LEU B 200 39.82 -8.08 22.32
C LEU B 200 40.72 -8.89 23.26
N GLU B 201 42.03 -8.81 23.08
CA GLU B 201 42.95 -9.54 23.94
C GLU B 201 42.70 -9.21 25.41
N LYS B 202 42.58 -7.92 25.73
CA LYS B 202 42.41 -7.50 27.10
C LYS B 202 40.99 -7.70 27.63
N ALA B 203 40.03 -7.98 26.78
CA ALA B 203 38.64 -8.09 27.21
C ALA B 203 38.44 -9.30 28.13
N GLN B 204 37.70 -9.09 29.21
CA GLN B 204 37.26 -10.20 30.06
C GLN B 204 35.98 -10.82 29.54
N ARG B 205 35.13 -10.03 28.87
CA ARG B 205 33.81 -10.48 28.44
C ARG B 205 33.55 -9.92 27.04
N PRO B 206 34.27 -10.43 26.04
CA PRO B 206 34.08 -9.95 24.67
C PRO B 206 32.85 -10.55 24.02
N LEU B 207 32.25 -9.78 23.12
CA LEU B 207 31.04 -10.22 22.43
C LEU B 207 31.03 -9.65 21.02
N VAL B 208 30.70 -10.50 20.05
CA VAL B 208 30.56 -10.09 18.65
C VAL B 208 29.08 -9.91 18.35
N LEU B 209 28.73 -8.80 17.70
CA LEU B 209 27.36 -8.52 17.28
C LEU B 209 27.31 -8.58 15.77
N LEU B 210 26.65 -9.61 15.23
CA LEU B 210 26.60 -9.86 13.80
C LEU B 210 25.32 -9.28 13.21
N GLY B 211 25.48 -8.46 12.16
CA GLY B 211 24.37 -7.84 11.48
C GLY B 211 24.32 -8.23 10.02
N LYS B 212 23.21 -7.85 9.36
CA LYS B 212 23.02 -8.22 7.97
C LYS B 212 23.92 -7.46 7.01
N GLY B 213 24.59 -6.40 7.47
CA GLY B 213 25.60 -5.78 6.64
C GLY B 213 26.73 -6.73 6.31
N MET B 214 27.08 -7.62 7.23
CA MET B 214 28.05 -8.66 6.93
C MET B 214 27.47 -9.66 5.95
N ALA B 215 26.17 -9.95 6.05
CA ALA B 215 25.53 -10.82 5.07
C ALA B 215 25.53 -10.16 3.70
N TRP B 216 25.19 -8.86 3.63
CA TRP B 216 25.27 -8.15 2.36
C TRP B 216 26.68 -8.17 1.80
N SER B 217 27.68 -8.02 2.67
CA SER B 217 29.07 -8.05 2.22
C SER B 217 29.52 -9.44 1.81
N ARG B 218 28.75 -10.47 2.16
CA ARG B 218 29.07 -11.86 1.81
C ARG B 218 30.43 -12.27 2.37
N GLY B 219 30.62 -11.95 3.66
CA GLY B 219 31.83 -12.30 4.37
C GLY B 219 31.62 -13.33 5.45
N GLU B 220 30.62 -14.21 5.26
CA GLU B 220 30.32 -15.22 6.27
C GLU B 220 31.50 -16.15 6.50
N ASP B 221 32.23 -16.49 5.44
CA ASP B 221 33.40 -17.36 5.60
C ASP B 221 34.47 -16.68 6.43
N GLU B 222 34.75 -15.41 6.15
CA GLU B 222 35.74 -14.68 6.94
C GLU B 222 35.30 -14.56 8.39
N VAL B 223 34.02 -14.29 8.63
CA VAL B 223 33.52 -14.21 9.99
C VAL B 223 33.65 -15.55 10.69
N ARG B 224 33.29 -16.64 10.02
CA ARG B 224 33.36 -17.95 10.65
C ARG B 224 34.80 -18.29 11.02
N ALA B 225 35.76 -17.95 10.17
CA ALA B 225 37.16 -18.17 10.51
C ALA B 225 37.58 -17.36 11.72
N PHE B 226 37.08 -16.12 11.82
CA PHE B 226 37.44 -15.24 12.93
C PHE B 226 36.89 -15.77 14.25
N ILE B 227 35.61 -16.13 14.28
CA ILE B 227 35.00 -16.62 15.51
C ILE B 227 35.69 -17.90 15.98
N GLU B 228 35.98 -18.81 15.04
CA GLU B 228 36.64 -20.06 15.42
C GLU B 228 38.04 -19.81 15.94
N ARG B 229 38.77 -18.88 15.30
CA ARG B 229 40.13 -18.57 15.73
C ARG B 229 40.15 -17.91 17.11
N THR B 230 39.29 -16.91 17.32
CA THR B 230 39.29 -16.17 18.57
C THR B 230 38.47 -16.83 19.66
N GLN B 231 37.50 -17.67 19.30
CA GLN B 231 36.60 -18.30 20.27
C GLN B 231 35.86 -17.26 21.10
N VAL B 232 35.45 -16.18 20.46
CA VAL B 232 34.68 -15.13 21.12
C VAL B 232 33.20 -15.40 20.91
N PRO B 233 32.37 -15.35 21.96
CA PRO B 233 30.92 -15.55 21.76
C PRO B 233 30.33 -14.47 20.86
N PHE B 234 29.15 -14.77 20.32
CA PHE B 234 28.49 -13.87 19.39
C PHE B 234 26.99 -13.85 19.62
N VAL B 235 26.39 -12.70 19.34
CA VAL B 235 24.95 -12.57 19.15
C VAL B 235 24.72 -12.01 17.75
N ARG B 236 23.45 -11.99 17.34
CA ARG B 236 23.12 -11.75 15.94
C ARG B 236 21.76 -11.08 15.83
N SER B 237 21.64 -10.18 14.86
CA SER B 237 20.35 -9.62 14.52
C SER B 237 19.51 -10.67 13.80
N PRO B 238 18.19 -10.46 13.71
CA PRO B 238 17.34 -11.46 13.05
C PRO B 238 17.78 -11.83 11.63
N MET B 239 18.15 -10.87 10.80
CA MET B 239 18.61 -11.20 9.45
C MET B 239 20.12 -11.39 9.39
N GLY B 240 20.85 -11.04 10.45
CA GLY B 240 22.21 -11.52 10.62
C GLY B 240 22.30 -13.00 10.90
N LYS B 241 21.17 -13.64 11.20
CA LYS B 241 21.13 -15.09 11.36
C LYS B 241 21.79 -15.77 10.17
N GLY B 242 22.62 -16.78 10.45
CA GLY B 242 23.24 -17.58 9.44
C GLY B 242 24.63 -17.15 9.02
N VAL B 243 25.01 -15.89 9.27
CA VAL B 243 26.39 -15.49 9.08
C VAL B 243 27.31 -16.42 9.86
N MET B 244 27.00 -16.61 11.14
CA MET B 244 27.46 -17.77 11.90
C MET B 244 26.32 -18.78 12.02
N PRO B 245 26.61 -20.08 12.06
CA PRO B 245 25.53 -21.06 12.31
C PRO B 245 24.97 -20.87 13.71
N ASP B 246 23.63 -20.88 13.82
CA ASP B 246 22.99 -20.65 15.10
C ASP B 246 23.32 -21.75 16.11
N ASP B 247 23.51 -22.99 15.64
CA ASP B 247 23.78 -24.11 16.54
C ASP B 247 25.25 -24.24 16.91
N HIS B 248 26.02 -23.15 16.82
CA HIS B 248 27.43 -23.14 17.17
C HIS B 248 27.58 -23.03 18.69
N PRO B 249 28.62 -23.67 19.26
CA PRO B 249 28.80 -23.58 20.72
C PRO B 249 29.07 -22.17 21.21
N LEU B 250 29.53 -21.26 20.36
CA LEU B 250 29.83 -19.90 20.76
C LEU B 250 28.63 -18.97 20.63
N SER B 251 27.46 -19.49 20.30
CA SER B 251 26.26 -18.66 20.25
C SER B 251 25.82 -18.31 21.66
N ALA B 252 25.66 -17.00 21.93
CA ALA B 252 25.12 -16.52 23.18
C ALA B 252 23.67 -16.06 23.06
N SER B 253 23.01 -16.36 21.94
CA SER B 253 21.65 -15.89 21.72
C SER B 253 20.72 -16.32 22.84
N ALA B 254 20.88 -17.54 23.34
CA ALA B 254 20.01 -18.01 24.42
C ALA B 254 20.26 -17.27 25.73
N ALA B 255 21.33 -16.49 25.83
CA ALA B 255 21.63 -15.64 26.97
C ALA B 255 21.87 -14.21 26.50
N ARG B 256 21.06 -13.76 25.55
CA ARG B 256 21.31 -12.51 24.85
C ARG B 256 21.31 -11.32 25.82
N THR B 257 20.31 -11.25 26.69
CA THR B 257 20.19 -10.11 27.59
C THR B 257 21.40 -10.03 28.53
N LEU B 258 21.79 -11.17 29.12
CA LEU B 258 22.98 -11.21 29.96
C LEU B 258 24.22 -10.81 29.18
N ALA B 259 24.35 -11.33 27.96
CA ALA B 259 25.55 -11.07 27.17
C ALA B 259 25.73 -9.58 26.90
N LEU B 260 24.68 -8.92 26.41
CA LEU B 260 24.79 -7.49 26.12
C LEU B 260 25.04 -6.69 27.39
N GLN B 261 24.38 -7.08 28.48
CA GLN B 261 24.45 -6.34 29.73
C GLN B 261 25.84 -6.40 30.35
N GLN B 262 26.54 -7.53 30.18
CA GLN B 262 27.79 -7.79 30.87
C GLN B 262 29.05 -7.66 30.02
N ALA B 263 28.93 -7.63 28.70
CA ALA B 263 30.10 -7.52 27.85
C ALA B 263 30.90 -6.27 28.20
N ASP B 264 32.23 -6.38 28.16
CA ASP B 264 33.10 -5.23 28.32
C ASP B 264 33.71 -4.77 27.00
N VAL B 265 33.61 -5.58 25.96
CA VAL B 265 33.98 -5.18 24.60
C VAL B 265 32.99 -5.81 23.64
N ILE B 266 32.30 -4.99 22.85
CA ILE B 266 31.42 -5.47 21.79
C ILE B 266 32.06 -5.14 20.45
N PHE B 267 31.95 -6.06 19.52
CA PHE B 267 32.50 -5.92 18.16
C PHE B 267 31.30 -5.90 17.21
N LEU B 268 30.95 -4.70 16.75
CA LEU B 268 29.86 -4.55 15.79
C LEU B 268 30.36 -4.92 14.40
N MET B 269 29.77 -5.94 13.80
CA MET B 269 30.11 -6.39 12.45
C MET B 269 28.89 -6.16 11.55
N GLY B 270 28.90 -5.06 10.82
CA GLY B 270 27.78 -4.76 9.95
C GLY B 270 26.46 -4.71 10.68
N ALA B 271 26.46 -4.16 11.89
CA ALA B 271 25.26 -3.98 12.69
C ALA B 271 25.27 -2.58 13.28
N ARG B 272 24.08 -2.00 13.41
CA ARG B 272 23.93 -0.67 13.97
C ARG B 272 23.47 -0.77 15.42
N LEU B 273 23.92 0.18 16.23
CA LEU B 273 23.37 0.36 17.58
C LEU B 273 22.10 1.21 17.48
N ASN B 274 21.17 0.74 16.66
CA ASN B 274 19.84 1.31 16.60
C ASN B 274 18.93 0.53 17.55
N TRP B 275 17.62 0.56 17.33
CA TRP B 275 16.69 -0.06 18.27
C TRP B 275 16.90 -1.56 18.38
N ILE B 276 17.36 -2.21 17.32
CA ILE B 276 17.48 -3.66 17.34
C ILE B 276 18.48 -4.10 18.41
N PHE B 277 19.56 -3.34 18.60
CA PHE B 277 20.53 -3.61 19.64
C PHE B 277 20.46 -2.58 20.77
N HIS B 278 19.32 -1.91 20.92
CA HIS B 278 19.02 -1.09 22.09
C HIS B 278 20.03 0.03 22.30
N PHE B 279 20.56 0.56 21.20
CA PHE B 279 21.33 1.80 21.18
C PHE B 279 22.68 1.68 21.89
N GLY B 280 23.07 0.49 22.33
CA GLY B 280 24.34 0.33 23.00
C GLY B 280 24.45 1.02 24.34
N LEU B 281 23.31 1.29 24.98
CA LEU B 281 23.26 2.13 26.17
C LEU B 281 22.68 1.39 27.36
N PRO B 282 22.99 1.82 28.58
CA PRO B 282 22.27 1.31 29.74
C PRO B 282 20.79 1.61 29.62
N PRO B 283 19.93 0.77 30.18
CA PRO B 283 20.22 -0.35 31.11
C PRO B 283 20.59 -1.66 30.42
N ARG B 284 20.61 -1.68 29.09
CA ARG B 284 20.86 -2.92 28.34
C ARG B 284 22.35 -3.21 28.17
N TYR B 285 23.22 -2.21 28.35
CA TYR B 285 24.65 -2.39 28.22
C TYR B 285 25.34 -1.82 29.45
N ALA B 286 26.54 -2.33 29.72
CA ALA B 286 27.41 -1.69 30.70
C ALA B 286 27.69 -0.26 30.27
N LYS B 287 27.67 0.67 31.22
CA LYS B 287 27.88 2.06 30.87
C LYS B 287 29.27 2.30 30.31
N ASP B 288 30.23 1.43 30.63
CA ASP B 288 31.62 1.58 30.25
C ASP B 288 32.05 0.60 29.17
N VAL B 289 31.10 -0.05 28.50
CA VAL B 289 31.46 -0.99 27.45
C VAL B 289 32.21 -0.25 26.36
N LYS B 290 33.19 -0.94 25.77
CA LYS B 290 34.00 -0.39 24.69
C LYS B 290 33.60 -1.08 23.38
N VAL B 291 33.64 -0.33 22.28
CA VAL B 291 33.04 -0.76 21.03
C VAL B 291 34.11 -0.83 19.95
N ILE B 292 34.18 -1.98 19.29
CA ILE B 292 34.83 -2.12 17.99
C ILE B 292 33.73 -2.12 16.95
N GLN B 293 33.81 -1.22 15.97
CA GLN B 293 32.75 -1.01 15.00
C GLN B 293 33.29 -1.16 13.59
N LEU B 294 32.72 -2.10 12.84
CA LEU B 294 33.06 -2.33 11.44
C LEU B 294 31.86 -1.97 10.60
N ASP B 295 31.96 -0.87 9.85
CA ASP B 295 30.86 -0.41 9.00
C ASP B 295 31.42 0.31 7.79
N ILE B 296 30.69 0.25 6.69
CA ILE B 296 31.11 0.91 5.46
C ILE B 296 30.78 2.40 5.45
N ALA B 297 29.80 2.82 6.26
CA ALA B 297 29.35 4.21 6.25
C ALA B 297 30.07 4.98 7.36
N PRO B 298 30.93 5.96 7.03
CA PRO B 298 31.68 6.64 8.11
C PRO B 298 30.78 7.33 9.12
N GLU B 299 29.66 7.90 8.68
CA GLU B 299 28.81 8.68 9.57
C GLU B 299 28.20 7.83 10.68
N GLU B 300 28.18 6.51 10.51
CA GLU B 300 27.63 5.61 11.53
C GLU B 300 28.61 5.34 12.68
N ILE B 301 29.86 5.74 12.54
CA ILE B 301 30.90 5.40 13.52
C ILE B 301 30.72 6.30 14.75
N GLY B 302 30.37 5.69 15.88
CA GLY B 302 30.11 6.43 17.10
C GLY B 302 28.68 6.87 17.29
N HIS B 303 27.77 6.44 16.43
CA HIS B 303 26.36 6.75 16.58
C HIS B 303 25.83 6.19 17.90
N ASN B 304 25.25 7.07 18.72
CA ASN B 304 24.66 6.72 20.01
C ASN B 304 25.69 6.35 21.07
N LYS B 305 26.70 5.55 20.71
CA LYS B 305 27.70 5.09 21.66
C LYS B 305 29.09 5.36 21.06
N PRO B 306 29.99 6.00 21.81
CA PRO B 306 31.34 6.23 21.27
C PRO B 306 32.02 4.93 20.90
N THR B 307 32.81 4.98 19.83
CA THR B 307 33.54 3.82 19.34
C THR B 307 35.00 3.92 19.76
N GLU B 308 35.54 2.80 20.23
CA GLU B 308 36.94 2.75 20.63
C GLU B 308 37.85 2.50 19.43
N VAL B 309 37.49 1.52 18.59
CA VAL B 309 38.25 1.17 17.40
C VAL B 309 37.29 1.16 16.21
N ALA B 310 37.58 2.00 15.22
CA ALA B 310 36.75 2.09 14.02
C ALA B 310 37.42 1.35 12.88
N LEU B 311 36.66 0.47 12.23
CA LEU B 311 37.11 -0.30 11.08
C LEU B 311 36.16 0.05 9.93
N VAL B 312 36.48 1.12 9.21
CA VAL B 312 35.58 1.65 8.18
C VAL B 312 35.98 1.07 6.83
N GLY B 313 35.07 0.33 6.22
CA GLY B 313 35.32 -0.31 4.95
C GLY B 313 34.42 -1.53 4.80
N ASP B 314 34.83 -2.42 3.90
CA ASP B 314 34.04 -3.60 3.58
C ASP B 314 34.24 -4.69 4.62
N GLY B 315 33.13 -5.29 5.05
CA GLY B 315 33.16 -6.31 6.08
C GLY B 315 34.03 -7.50 5.71
N LYS B 316 33.75 -8.11 4.56
CA LYS B 316 34.55 -9.26 4.12
C LYS B 316 36.03 -8.92 4.09
N ALA B 317 36.39 -7.84 3.40
CA ALA B 317 37.80 -7.49 3.24
C ALA B 317 38.46 -7.21 4.58
N ILE B 318 37.76 -6.51 5.49
CA ILE B 318 38.38 -6.14 6.75
C ILE B 318 38.50 -7.35 7.67
N MET B 319 37.49 -8.22 7.67
CA MET B 319 37.61 -9.44 8.46
C MET B 319 38.75 -10.32 7.97
N ALA B 320 39.03 -10.29 6.66
CA ALA B 320 40.20 -10.99 6.14
C ALA B 320 41.48 -10.41 6.76
N GLN B 321 41.55 -9.08 6.90
CA GLN B 321 42.71 -8.47 7.53
C GLN B 321 42.90 -9.00 8.95
N LEU B 322 41.82 -9.04 9.73
CA LEU B 322 41.92 -9.47 11.12
C LEU B 322 42.36 -10.92 11.22
N ASN B 323 41.87 -11.77 10.31
CA ASN B 323 42.27 -13.17 10.34
C ASN B 323 43.75 -13.33 10.03
N LYS B 324 44.26 -12.59 9.03
CA LYS B 324 45.69 -12.64 8.74
C LYS B 324 46.50 -12.14 9.92
N ALA B 325 46.05 -11.07 10.57
CA ALA B 325 46.79 -10.50 11.68
C ALA B 325 46.78 -11.40 12.91
N LEU B 326 45.73 -12.22 13.06
CA LEU B 326 45.65 -13.14 14.18
C LEU B 326 46.69 -14.25 14.11
N VAL B 327 47.37 -14.40 12.96
CA VAL B 327 48.45 -15.38 12.87
C VAL B 327 49.61 -14.98 13.77
N ASN B 328 49.83 -13.68 13.95
CA ASN B 328 50.94 -13.17 14.74
C ASN B 328 50.62 -13.03 16.22
N ARG B 329 49.55 -13.68 16.69
CA ARG B 329 49.13 -13.60 18.08
C ARG B 329 48.93 -15.00 18.62
N GLN B 330 49.33 -15.21 19.88
CA GLN B 330 49.00 -16.46 20.57
C GLN B 330 47.62 -16.41 21.22
N TRP B 331 47.04 -15.22 21.35
CA TRP B 331 45.82 -15.08 22.13
C TRP B 331 44.62 -15.75 21.46
N PHE B 332 43.76 -16.31 22.30
CA PHE B 332 42.40 -16.66 21.96
C PHE B 332 41.63 -16.66 23.28
N HIS B 333 40.33 -16.51 23.21
CA HIS B 333 39.55 -16.49 24.43
C HIS B 333 39.46 -17.90 25.01
N PRO B 334 39.95 -18.14 26.22
CA PRO B 334 39.94 -19.50 26.75
C PRO B 334 38.53 -20.05 26.87
N LYS B 335 38.42 -21.38 26.73
CA LYS B 335 37.10 -22.02 26.74
C LYS B 335 36.47 -22.03 28.12
N ASP B 336 37.23 -21.79 29.18
CA ASP B 336 36.73 -21.95 30.54
C ASP B 336 36.81 -20.66 31.35
N THR B 337 36.82 -19.50 30.68
CA THR B 337 36.78 -18.24 31.41
C THR B 337 35.47 -18.13 32.16
N PRO B 338 35.42 -17.28 33.20
CA PRO B 338 34.12 -17.04 33.86
C PRO B 338 33.06 -16.57 32.89
N TRP B 339 33.45 -15.78 31.87
CA TRP B 339 32.52 -15.33 30.84
C TRP B 339 31.83 -16.50 30.17
N ARG B 340 32.60 -17.45 29.65
CA ARG B 340 32.01 -18.61 28.99
C ARG B 340 31.14 -19.41 29.97
N GLN B 341 31.58 -19.55 31.21
CA GLN B 341 30.79 -20.30 32.19
C GLN B 341 29.49 -19.59 32.50
N ALA B 342 29.52 -18.26 32.62
CA ALA B 342 28.30 -17.52 32.92
C ALA B 342 27.29 -17.63 31.79
N LEU B 343 27.75 -17.46 30.54
CA LEU B 343 26.84 -17.54 29.40
C LEU B 343 26.27 -18.93 29.24
N THR B 344 27.11 -19.96 29.40
CA THR B 344 26.61 -21.33 29.34
C THR B 344 25.56 -21.58 30.43
N LYS B 345 25.84 -21.12 31.65
CA LYS B 345 24.92 -21.34 32.75
C LYS B 345 23.58 -20.67 32.47
N LYS B 346 23.62 -19.41 32.05
CA LYS B 346 22.38 -18.65 31.84
C LYS B 346 21.60 -19.19 30.66
N ALA B 347 22.29 -19.47 29.55
CA ALA B 347 21.62 -20.08 28.40
C ALA B 347 20.83 -21.31 28.83
N ALA B 348 21.44 -22.18 29.64
CA ALA B 348 20.78 -23.41 30.06
C ALA B 348 19.55 -23.12 30.91
N GLU B 349 19.64 -22.14 31.80
CA GLU B 349 18.48 -21.79 32.63
C GLU B 349 17.37 -21.20 31.78
N ASN B 350 17.72 -20.38 30.78
CA ASN B 350 16.70 -19.80 29.91
C ASN B 350 16.01 -20.88 29.07
N VAL B 351 16.80 -21.82 28.54
CA VAL B 351 16.22 -22.91 27.75
C VAL B 351 15.33 -23.79 28.63
N ALA B 352 15.73 -23.99 29.88
CA ALA B 352 14.93 -24.80 30.80
C ALA B 352 13.62 -24.11 31.15
N THR B 353 13.65 -22.78 31.29
CA THR B 353 12.44 -22.04 31.59
C THR B 353 11.41 -22.17 30.46
N ILE B 354 11.88 -22.30 29.22
CA ILE B 354 10.98 -22.36 28.07
C ILE B 354 10.53 -23.79 27.75
N LYS B 355 11.30 -24.79 28.16
CA LYS B 355 11.00 -26.18 27.79
C LYS B 355 9.56 -26.59 28.09
N PRO B 356 8.99 -26.29 29.25
CA PRO B 356 7.59 -26.69 29.50
C PRO B 356 6.64 -26.27 28.40
N GLN B 357 6.89 -25.11 27.78
CA GLN B 357 6.04 -24.65 26.69
C GLN B 357 6.31 -25.42 25.40
N VAL B 358 7.58 -25.75 25.14
CA VAL B 358 7.91 -26.54 23.96
C VAL B 358 7.24 -27.89 24.01
N ASP B 359 7.22 -28.51 25.19
CA ASP B 359 6.71 -29.87 25.35
C ASP B 359 5.21 -29.93 25.62
N ASP B 360 4.55 -28.78 25.76
CA ASP B 360 3.12 -28.76 26.08
C ASP B 360 2.31 -29.18 24.86
N ASP B 361 1.74 -30.39 24.90
CA ASP B 361 0.94 -30.91 23.80
C ASP B 361 -0.53 -30.59 23.92
N GLN B 362 -0.91 -29.76 24.88
CA GLN B 362 -2.31 -29.36 25.03
C GLN B 362 -2.73 -28.43 23.90
N GLY B 363 -3.95 -28.63 23.39
CA GLY B 363 -4.48 -27.78 22.36
C GLY B 363 -5.39 -26.71 22.94
N PRO B 364 -5.44 -25.53 22.29
CA PRO B 364 -4.71 -25.15 21.07
C PRO B 364 -3.23 -24.89 21.37
N ALA B 365 -2.38 -25.04 20.36
CA ALA B 365 -0.95 -24.95 20.56
C ALA B 365 -0.52 -23.53 20.92
N GLY B 366 0.51 -23.43 21.74
CA GLY B 366 1.19 -22.17 21.94
C GLY B 366 2.32 -21.99 20.94
N TYR B 367 2.94 -20.81 20.98
CA TYR B 367 4.02 -20.52 20.05
C TYR B 367 5.08 -21.62 20.07
N TYR B 368 5.60 -21.94 21.26
CA TYR B 368 6.74 -22.85 21.34
C TYR B 368 6.36 -24.27 20.95
N ARG B 369 5.14 -24.70 21.22
CA ARG B 369 4.72 -26.03 20.81
C ARG B 369 4.58 -26.11 19.29
N ALA B 370 3.93 -25.13 18.69
CA ALA B 370 3.79 -25.11 17.23
C ALA B 370 5.15 -25.04 16.56
N LEU B 371 6.04 -24.17 17.05
CA LEU B 371 7.34 -24.01 16.44
C LEU B 371 8.24 -25.22 16.67
N ARG B 372 7.91 -26.07 17.63
CA ARG B 372 8.64 -27.32 17.80
C ARG B 372 8.56 -28.17 16.53
N ASP B 373 7.35 -28.28 15.96
CA ASP B 373 7.19 -29.06 14.74
C ASP B 373 7.78 -28.35 13.53
N VAL B 374 7.62 -27.03 13.46
CA VAL B 374 8.20 -26.27 12.35
C VAL B 374 9.71 -26.44 12.35
N ALA B 375 10.33 -26.33 13.53
CA ALA B 375 11.79 -26.47 13.61
C ALA B 375 12.25 -27.83 13.14
N ALA B 376 11.56 -28.90 13.56
CA ALA B 376 11.95 -30.24 13.15
C ALA B 376 11.75 -30.44 11.65
N TRP B 377 10.82 -29.72 11.04
CA TRP B 377 10.44 -29.90 9.65
C TRP B 377 11.20 -29.00 8.69
N MET B 378 11.85 -27.95 9.21
CA MET B 378 12.61 -27.04 8.36
C MET B 378 13.69 -27.78 7.57
N PRO B 379 13.71 -27.66 6.24
CA PRO B 379 14.88 -28.16 5.50
C PRO B 379 16.11 -27.31 5.80
N LYS B 380 17.27 -27.98 5.87
CA LYS B 380 18.49 -27.29 6.26
C LYS B 380 18.87 -26.20 5.25
N ASN B 381 18.56 -26.41 3.98
CA ASN B 381 18.93 -25.46 2.92
C ASN B 381 17.82 -24.46 2.60
N ALA B 382 16.80 -24.36 3.46
CA ALA B 382 15.68 -23.48 3.18
C ALA B 382 16.06 -22.01 3.35
N ILE B 383 15.39 -21.15 2.58
CA ILE B 383 15.33 -19.72 2.86
C ILE B 383 14.09 -19.47 3.70
N LEU B 384 14.26 -18.84 4.86
CA LEU B 384 13.18 -18.61 5.79
C LEU B 384 12.70 -17.17 5.69
N SER B 385 11.42 -16.99 5.38
CA SER B 385 10.75 -15.70 5.45
C SER B 385 9.84 -15.70 6.66
N ALA B 386 9.87 -14.62 7.43
CA ALA B 386 9.10 -14.53 8.66
C ALA B 386 8.50 -13.15 8.80
N GLU B 387 7.25 -13.08 9.28
CA GLU B 387 6.56 -11.80 9.42
C GLU B 387 5.52 -11.91 10.52
N GLY B 388 5.48 -10.92 11.39
CA GLY B 388 4.55 -10.88 12.50
C GLY B 388 5.19 -10.22 13.70
N ALA B 389 4.57 -10.42 14.87
CA ALA B 389 5.15 -9.98 16.12
C ALA B 389 5.60 -11.22 16.87
N GLY B 390 4.78 -11.79 17.74
CA GLY B 390 5.17 -13.02 18.43
C GLY B 390 5.59 -14.11 17.46
N THR B 391 4.79 -14.31 16.41
CA THR B 391 5.11 -15.36 15.45
C THR B 391 6.50 -15.18 14.87
N MET B 392 6.90 -13.94 14.60
CA MET B 392 8.19 -13.67 13.99
C MET B 392 9.32 -13.69 15.02
N ASP B 393 9.12 -13.00 16.15
CA ASP B 393 10.19 -12.89 17.13
C ASP B 393 10.51 -14.23 17.77
N ILE B 394 9.48 -15.01 18.11
CA ILE B 394 9.72 -16.34 18.66
C ILE B 394 10.19 -17.29 17.56
N GLY B 395 9.59 -17.19 16.38
CA GLY B 395 9.99 -18.06 15.28
C GLY B 395 11.47 -17.98 14.98
N LEU B 396 12.04 -16.78 15.03
CA LEU B 396 13.44 -16.61 14.65
C LEU B 396 14.41 -17.01 15.76
N THR B 397 13.94 -17.18 16.99
CA THR B 397 14.78 -17.77 18.04
C THR B 397 14.78 -19.29 17.99
N GLN B 398 13.69 -19.88 17.50
CA GLN B 398 13.52 -21.33 17.54
C GLN B 398 13.93 -22.01 16.24
N LEU B 399 14.07 -21.26 15.15
CA LEU B 399 14.39 -21.82 13.84
C LEU B 399 15.84 -21.43 13.51
N ALA B 400 16.74 -22.40 13.60
CA ALA B 400 18.16 -22.12 13.45
C ALA B 400 18.53 -21.95 11.98
N SER B 401 19.43 -21.01 11.73
CA SER B 401 19.96 -20.77 10.39
C SER B 401 21.37 -21.32 10.28
N SER B 402 21.68 -21.91 9.11
CA SER B 402 23.00 -22.42 8.81
C SER B 402 23.70 -21.67 7.68
N ASN B 403 22.96 -20.92 6.88
CA ASN B 403 23.50 -20.19 5.75
C ASN B 403 23.16 -18.71 5.87
N ALA B 404 24.03 -17.86 5.34
CA ALA B 404 23.79 -16.43 5.36
C ALA B 404 22.77 -16.04 4.30
N ARG B 405 22.20 -14.84 4.45
CA ARG B 405 21.21 -14.32 3.50
C ARG B 405 20.07 -15.30 3.28
N SER B 406 19.70 -16.04 4.33
CA SER B 406 18.63 -17.02 4.26
C SER B 406 17.52 -16.73 5.25
N VAL B 407 17.47 -15.52 5.78
CA VAL B 407 16.37 -15.06 6.62
C VAL B 407 15.92 -13.70 6.10
N LEU B 408 14.60 -13.57 5.90
CA LEU B 408 13.98 -12.29 5.53
C LEU B 408 12.84 -12.06 6.50
N ASN B 409 12.85 -10.91 7.18
CA ASN B 409 11.80 -10.61 8.15
C ASN B 409 11.42 -9.14 8.00
N ALA B 410 10.74 -8.59 9.02
CA ALA B 410 10.19 -7.24 8.91
C ALA B 410 11.28 -6.19 8.80
N GLY B 411 12.50 -6.48 9.26
CA GLY B 411 13.63 -5.63 8.98
C GLY B 411 13.71 -4.40 9.87
N THR B 412 14.63 -3.52 9.47
CA THR B 412 14.92 -2.31 10.25
C THR B 412 13.67 -1.47 10.47
N TYR B 413 12.77 -1.43 9.49
CA TYR B 413 11.56 -0.61 9.55
C TYR B 413 10.40 -1.33 10.23
N GLY B 414 10.57 -2.60 10.58
CA GLY B 414 9.49 -3.34 11.24
C GLY B 414 8.23 -3.38 10.42
N THR B 415 8.36 -3.55 9.11
CA THR B 415 7.23 -3.38 8.20
C THR B 415 6.37 -4.63 8.14
N MET B 416 5.06 -4.46 8.34
CA MET B 416 4.09 -5.46 7.94
C MET B 416 3.71 -5.22 6.49
N GLY B 417 3.58 -6.30 5.72
CA GLY B 417 3.27 -6.22 4.30
C GLY B 417 4.41 -6.62 3.39
N VAL B 418 5.58 -6.98 3.94
CA VAL B 418 6.70 -7.44 3.14
C VAL B 418 6.66 -8.95 2.92
N GLY B 419 5.83 -9.67 3.65
CA GLY B 419 5.88 -11.12 3.70
C GLY B 419 5.99 -11.82 2.36
N LEU B 420 4.89 -11.84 1.60
CA LEU B 420 4.88 -12.63 0.36
C LEU B 420 5.74 -11.98 -0.71
N GLY B 421 5.88 -10.65 -0.70
CA GLY B 421 6.83 -10.02 -1.59
C GLY B 421 8.24 -10.54 -1.39
N GLN B 422 8.67 -10.64 -0.13
CA GLN B 422 10.01 -11.12 0.17
C GLN B 422 10.10 -12.63 -0.05
N ALA B 423 9.04 -13.37 0.24
CA ALA B 423 9.03 -14.79 -0.07
C ALA B 423 9.19 -15.00 -1.58
N ILE B 424 8.46 -14.23 -2.38
CA ILE B 424 8.56 -14.37 -3.83
C ILE B 424 9.95 -13.98 -4.32
N ALA B 425 10.54 -12.94 -3.74
CA ALA B 425 11.90 -12.57 -4.10
C ALA B 425 12.86 -13.72 -3.80
N ALA B 426 12.71 -14.35 -2.64
CA ALA B 426 13.51 -15.53 -2.33
C ALA B 426 13.30 -16.64 -3.34
N ALA B 427 12.05 -16.83 -3.78
CA ALA B 427 11.72 -17.99 -4.61
C ALA B 427 12.29 -17.88 -6.01
N VAL B 428 12.34 -16.66 -6.57
CA VAL B 428 12.91 -16.46 -7.89
C VAL B 428 14.40 -16.18 -7.84
N SER B 429 14.95 -15.86 -6.67
CA SER B 429 16.39 -15.66 -6.56
C SER B 429 17.15 -16.98 -6.66
N ASP B 430 16.54 -18.08 -6.18
CA ASP B 430 17.18 -19.38 -6.22
C ASP B 430 16.11 -20.47 -6.20
N PRO B 431 15.57 -20.85 -7.36
CA PRO B 431 14.51 -21.88 -7.38
C PRO B 431 14.95 -23.24 -6.86
N SER B 432 16.25 -23.48 -6.71
CA SER B 432 16.74 -24.78 -6.24
C SER B 432 16.63 -24.96 -4.73
N ARG B 433 16.19 -23.94 -4.00
CA ARG B 433 16.07 -24.02 -2.56
C ARG B 433 14.62 -23.83 -2.12
N PRO B 434 14.14 -24.61 -1.15
CA PRO B 434 12.79 -24.37 -0.64
C PRO B 434 12.70 -23.04 0.10
N VAL B 435 11.52 -22.44 0.04
CA VAL B 435 11.25 -21.15 0.69
C VAL B 435 10.09 -21.34 1.64
N ILE B 436 10.32 -21.04 2.92
CA ILE B 436 9.30 -21.14 3.96
C ILE B 436 8.93 -19.74 4.41
N HIS B 437 7.62 -19.47 4.48
CA HIS B 437 7.12 -18.20 4.97
C HIS B 437 6.33 -18.44 6.25
N LEU B 438 6.91 -18.07 7.38
CA LEU B 438 6.26 -18.17 8.69
C LEU B 438 5.60 -16.83 8.99
N SER B 439 4.28 -16.85 9.21
CA SER B 439 3.52 -15.62 9.32
C SER B 439 2.49 -15.72 10.43
N GLY B 440 2.25 -14.58 11.09
CA GLY B 440 1.07 -14.44 11.92
C GLY B 440 -0.16 -14.20 11.06
N ASP B 441 -1.33 -14.30 11.70
CA ASP B 441 -2.57 -14.16 10.93
C ASP B 441 -2.81 -12.71 10.51
N SER B 442 -2.35 -11.74 11.30
CA SER B 442 -2.46 -10.35 10.88
C SER B 442 -1.53 -10.07 9.69
N ALA B 443 -0.28 -10.52 9.79
CA ALA B 443 0.70 -10.21 8.76
C ALA B 443 0.24 -10.69 7.40
N ILE B 444 -0.32 -11.89 7.33
CA ILE B 444 -0.68 -12.46 6.04
C ILE B 444 -1.81 -11.67 5.37
N GLY B 445 -2.57 -10.89 6.16
CA GLY B 445 -3.63 -10.09 5.60
C GLY B 445 -3.17 -8.87 4.83
N PHE B 446 -1.93 -8.43 5.06
CA PHE B 446 -1.41 -7.28 4.33
C PHE B 446 -1.17 -7.60 2.85
N SER B 447 -0.67 -8.81 2.57
CA SER B 447 -0.26 -9.19 1.23
C SER B 447 -0.87 -10.50 0.78
N GLY B 448 -1.93 -10.96 1.44
CA GLY B 448 -2.44 -12.29 1.20
C GLY B 448 -2.84 -12.56 -0.23
N MET B 449 -3.28 -11.53 -0.95
CA MET B 449 -3.74 -11.75 -2.32
C MET B 449 -2.61 -12.21 -3.23
N GLU B 450 -1.34 -12.05 -2.83
CA GLU B 450 -0.23 -12.53 -3.64
C GLU B 450 -0.19 -14.06 -3.71
N MET B 451 -1.05 -14.76 -2.98
CA MET B 451 -1.14 -16.21 -3.16
C MET B 451 -1.50 -16.55 -4.59
N GLU B 452 -2.37 -15.75 -5.20
CA GLU B 452 -2.66 -15.93 -6.62
C GLU B 452 -1.39 -15.82 -7.46
N THR B 453 -0.52 -14.86 -7.12
CA THR B 453 0.75 -14.75 -7.82
C THR B 453 1.59 -16.01 -7.65
N LEU B 454 1.57 -16.60 -6.46
CA LEU B 454 2.36 -17.81 -6.22
C LEU B 454 1.90 -18.94 -7.12
N VAL B 455 0.59 -19.13 -7.27
CA VAL B 455 0.09 -20.17 -8.15
C VAL B 455 0.37 -19.83 -9.61
N ARG B 456 0.18 -18.56 -9.97
CA ARG B 456 0.33 -18.17 -11.37
C ARG B 456 1.73 -18.44 -11.88
N TYR B 457 2.76 -18.20 -11.07
CA TYR B 457 4.14 -18.40 -11.48
C TYR B 457 4.74 -19.68 -10.91
N ASN B 458 3.92 -20.56 -10.35
CA ASN B 458 4.37 -21.88 -9.91
C ASN B 458 5.52 -21.76 -8.91
N LEU B 459 5.37 -20.84 -7.96
CA LEU B 459 6.39 -20.62 -6.95
C LEU B 459 5.98 -21.38 -5.69
N PRO B 460 6.70 -22.47 -5.33
CA PRO B 460 6.22 -23.36 -4.25
C PRO B 460 6.60 -22.88 -2.86
N VAL B 461 6.21 -21.65 -2.53
CA VAL B 461 6.42 -21.13 -1.18
C VAL B 461 5.50 -21.89 -0.22
N LYS B 462 6.08 -22.36 0.88
CA LYS B 462 5.35 -23.09 1.91
C LYS B 462 5.05 -22.12 3.05
N ILE B 463 3.79 -21.73 3.18
CA ILE B 463 3.37 -20.76 4.18
C ILE B 463 2.90 -21.48 5.43
N VAL B 464 3.31 -20.98 6.59
CA VAL B 464 2.86 -21.46 7.88
C VAL B 464 2.30 -20.26 8.63
N VAL B 465 0.99 -20.27 8.88
CA VAL B 465 0.32 -19.19 9.59
C VAL B 465 0.08 -19.64 11.02
N LEU B 466 0.57 -18.87 11.98
CA LEU B 466 0.20 -19.06 13.38
C LEU B 466 -0.95 -18.10 13.68
N ASN B 467 -2.11 -18.67 13.97
CA ASN B 467 -3.38 -17.95 13.96
C ASN B 467 -3.91 -17.82 15.38
N ASN B 468 -3.73 -16.64 15.98
CA ASN B 468 -4.27 -16.33 17.30
C ASN B 468 -5.39 -15.30 17.22
N GLY B 469 -5.89 -15.01 16.02
CA GLY B 469 -7.04 -14.14 15.86
C GLY B 469 -6.81 -12.67 16.16
N GLY B 470 -5.64 -12.15 15.83
CA GLY B 470 -5.44 -10.72 15.91
C GLY B 470 -3.98 -10.32 15.92
N ILE B 471 -3.79 -9.00 15.96
CA ILE B 471 -2.49 -8.37 16.19
C ILE B 471 -2.12 -8.64 17.65
N GLY B 472 -1.41 -9.73 17.90
CA GLY B 472 -1.37 -10.32 19.21
C GLY B 472 -2.66 -11.07 19.44
N PRO B 473 -2.82 -11.71 20.59
CA PRO B 473 -4.02 -12.51 20.83
C PRO B 473 -5.29 -11.68 20.72
N GLY B 474 -6.28 -12.24 20.05
CA GLY B 474 -7.58 -11.62 19.90
C GLY B 474 -8.56 -12.09 20.96
N MET B 475 -9.83 -12.17 20.57
CA MET B 475 -10.90 -12.61 21.45
C MET B 475 -11.38 -13.99 21.03
N PRO B 476 -12.00 -14.75 21.95
CA PRO B 476 -12.50 -16.08 21.56
C PRO B 476 -13.57 -16.01 20.48
N GLU B 477 -14.42 -15.00 20.50
CA GLU B 477 -15.44 -14.80 19.48
C GLU B 477 -15.59 -13.31 19.19
N ILE B 478 -16.19 -13.02 18.05
CA ILE B 478 -16.50 -11.64 17.67
C ILE B 478 -17.75 -11.23 18.45
N PRO B 479 -17.71 -10.18 19.26
CA PRO B 479 -18.89 -9.78 20.03
C PRO B 479 -19.90 -9.03 19.15
N GLU B 480 -21.09 -8.83 19.72
CA GLU B 480 -22.09 -8.02 19.04
C GLU B 480 -21.67 -6.56 19.09
N ASN B 481 -22.10 -5.80 18.08
CA ASN B 481 -21.70 -4.41 17.93
C ASN B 481 -20.18 -4.32 17.90
N PRO B 482 -19.53 -4.99 16.95
CA PRO B 482 -18.05 -5.09 17.01
C PRO B 482 -17.33 -3.78 16.82
N MET B 483 -17.93 -2.80 16.13
CA MET B 483 -17.24 -1.53 15.95
C MET B 483 -16.95 -0.84 17.28
N PHE B 484 -17.66 -1.21 18.34
CA PHE B 484 -17.42 -0.66 19.67
C PHE B 484 -16.94 -1.70 20.68
N ASN B 485 -17.23 -2.98 20.47
CA ASN B 485 -16.91 -4.01 21.45
C ASN B 485 -15.76 -4.92 21.05
N LEU B 486 -15.39 -4.96 19.77
CA LEU B 486 -14.26 -5.76 19.33
C LEU B 486 -12.96 -5.02 19.64
N LYS B 487 -12.03 -5.71 20.31
CA LYS B 487 -10.74 -5.10 20.60
C LYS B 487 -10.08 -4.65 19.30
N PRO B 488 -9.46 -3.47 19.27
CA PRO B 488 -8.89 -2.98 18.00
C PRO B 488 -7.94 -3.95 17.34
N ASN B 489 -7.24 -4.77 18.12
CA ASN B 489 -6.24 -5.68 17.59
C ASN B 489 -6.83 -6.99 17.10
N ALA B 490 -8.13 -7.21 17.24
CA ALA B 490 -8.71 -8.53 17.05
C ALA B 490 -9.09 -8.77 15.60
N LEU B 491 -8.88 -10.02 15.16
CA LEU B 491 -9.29 -10.49 13.84
C LEU B 491 -10.09 -11.76 14.04
N ILE B 492 -10.71 -12.24 12.96
CA ILE B 492 -11.44 -13.51 13.03
C ILE B 492 -10.47 -14.59 13.52
N TYR B 493 -10.83 -15.24 14.62
CA TYR B 493 -9.99 -16.27 15.23
C TYR B 493 -10.11 -17.55 14.43
N GLY B 494 -8.99 -18.04 13.92
CA GLY B 494 -9.02 -19.18 13.02
C GLY B 494 -9.54 -18.85 11.64
N ALA B 495 -9.38 -17.61 11.19
CA ALA B 495 -9.72 -17.26 9.82
C ALA B 495 -9.03 -18.22 8.86
N ARG B 496 -9.77 -18.68 7.86
CA ARG B 496 -9.35 -19.81 7.04
C ARG B 496 -8.51 -19.32 5.85
N TYR B 497 -7.31 -18.84 6.17
CA TYR B 497 -6.36 -18.49 5.13
C TYR B 497 -5.95 -19.71 4.32
N ASP B 498 -6.04 -20.91 4.90
CA ASP B 498 -5.80 -22.14 4.14
C ASP B 498 -6.78 -22.25 2.98
N LYS B 499 -8.06 -21.91 3.22
N LYS B 499 -8.06 -21.91 3.22
CA LYS B 499 -9.05 -21.95 2.15
CA LYS B 499 -9.04 -21.96 2.14
C LYS B 499 -8.83 -20.85 1.13
C LYS B 499 -8.84 -20.84 1.13
N VAL B 500 -8.09 -19.80 1.48
CA VAL B 500 -7.72 -18.79 0.49
C VAL B 500 -6.69 -19.36 -0.47
N MET B 501 -5.70 -20.07 0.06
CA MET B 501 -4.71 -20.71 -0.81
C MET B 501 -5.37 -21.76 -1.70
N GLU B 502 -6.26 -22.58 -1.12
CA GLU B 502 -7.03 -23.52 -1.93
C GLU B 502 -7.77 -22.80 -3.04
N ALA B 503 -8.37 -21.65 -2.73
CA ALA B 503 -9.17 -20.93 -3.72
C ALA B 503 -8.37 -20.68 -4.99
N PHE B 504 -7.11 -20.27 -4.85
CA PHE B 504 -6.30 -19.89 -6.01
C PHE B 504 -5.60 -21.06 -6.66
N GLY B 505 -5.63 -22.25 -6.06
CA GLY B 505 -5.05 -23.43 -6.66
C GLY B 505 -3.87 -24.03 -5.92
N GLY B 506 -3.61 -23.61 -4.69
CA GLY B 506 -2.58 -24.20 -3.88
C GLY B 506 -3.15 -25.19 -2.86
N LYS B 507 -2.26 -25.65 -1.98
CA LYS B 507 -2.61 -26.64 -0.96
C LYS B 507 -2.81 -25.94 0.38
N GLY B 508 -4.03 -25.98 0.88
CA GLY B 508 -4.37 -25.39 2.17
C GLY B 508 -4.74 -26.48 3.18
N ILE B 509 -4.20 -26.34 4.40
CA ILE B 509 -4.44 -27.31 5.46
C ILE B 509 -4.71 -26.54 6.75
N PHE B 510 -5.81 -26.89 7.42
CA PHE B 510 -6.24 -26.25 8.66
C PHE B 510 -5.97 -27.20 9.82
N VAL B 511 -5.22 -26.74 10.81
CA VAL B 511 -4.79 -27.58 11.93
C VAL B 511 -5.21 -26.92 13.23
N LYS B 512 -6.05 -27.62 14.00
CA LYS B 512 -6.45 -27.15 15.32
C LYS B 512 -5.81 -27.95 16.45
N GLU B 513 -5.41 -29.19 16.20
CA GLU B 513 -4.81 -30.04 17.22
C GLU B 513 -3.30 -30.10 17.04
N PRO B 514 -2.51 -29.85 18.09
CA PRO B 514 -1.05 -29.92 17.95
C PRO B 514 -0.55 -31.23 17.36
N LYS B 515 -1.22 -32.35 17.65
CA LYS B 515 -0.75 -33.64 17.17
C LYS B 515 -0.80 -33.76 15.66
N ASP B 516 -1.54 -32.88 14.97
CA ASP B 516 -1.68 -32.92 13.52
C ASP B 516 -0.79 -31.92 12.80
N ILE B 517 0.03 -31.16 13.52
CA ILE B 517 0.80 -30.09 12.89
C ILE B 517 1.82 -30.68 11.91
N ARG B 518 2.62 -31.66 12.36
CA ARG B 518 3.69 -32.15 11.52
C ARG B 518 3.16 -32.85 10.27
N LYS B 519 2.03 -33.55 10.40
CA LYS B 519 1.44 -34.19 9.22
C LYS B 519 1.01 -33.15 8.19
N ALA B 520 0.46 -32.03 8.65
CA ALA B 520 0.09 -30.96 7.73
C ALA B 520 1.33 -30.36 7.06
N LEU B 521 2.39 -30.14 7.85
CA LEU B 521 3.62 -29.59 7.28
C LEU B 521 4.20 -30.52 6.22
N ASP B 522 4.28 -31.82 6.52
CA ASP B 522 4.79 -32.77 5.54
C ASP B 522 3.95 -32.77 4.27
N GLU B 523 2.63 -32.71 4.43
CA GLU B 523 1.75 -32.72 3.26
C GLU B 523 1.91 -31.44 2.45
N ALA B 524 2.04 -30.29 3.12
CA ALA B 524 2.28 -29.05 2.40
C ALA B 524 3.59 -29.10 1.62
N MET B 525 4.64 -29.63 2.25
CA MET B 525 5.94 -29.70 1.58
C MET B 525 5.89 -30.63 0.37
N ALA B 526 5.14 -31.73 0.47
CA ALA B 526 5.10 -32.71 -0.60
C ALA B 526 4.36 -32.17 -1.83
N PHE B 527 3.34 -31.35 -1.62
CA PHE B 527 2.58 -30.77 -2.73
C PHE B 527 3.53 -30.00 -3.65
N LYS B 528 3.41 -30.23 -4.96
N LYS B 528 3.41 -30.25 -4.96
CA LYS B 528 4.30 -29.61 -5.93
CA LYS B 528 4.27 -29.61 -5.95
C LYS B 528 3.75 -28.24 -6.34
C LYS B 528 3.69 -28.25 -6.33
N GLY B 529 3.76 -27.32 -5.38
CA GLY B 529 3.27 -25.98 -5.59
C GLY B 529 3.16 -25.24 -4.28
N PRO B 530 2.62 -24.03 -4.31
CA PRO B 530 2.46 -23.25 -3.08
C PRO B 530 1.49 -23.90 -2.12
N ALA B 531 1.75 -23.72 -0.82
CA ALA B 531 0.94 -24.32 0.22
C ALA B 531 0.83 -23.37 1.41
N LEU B 532 -0.23 -23.56 2.19
CA LEU B 532 -0.43 -22.79 3.42
C LEU B 532 -1.01 -23.71 4.49
N VAL B 533 -0.28 -23.84 5.59
CA VAL B 533 -0.75 -24.58 6.76
C VAL B 533 -1.21 -23.56 7.80
N ASN B 534 -2.50 -23.59 8.14
CA ASN B 534 -3.11 -22.62 9.04
C ASN B 534 -3.30 -23.27 10.40
N VAL B 535 -2.46 -22.87 11.36
CA VAL B 535 -2.41 -23.50 12.67
C VAL B 535 -3.13 -22.62 13.67
N VAL B 536 -4.15 -23.16 14.33
CA VAL B 536 -4.83 -22.45 15.41
C VAL B 536 -3.88 -22.30 16.58
N LEU B 537 -3.78 -21.09 17.11
CA LEU B 537 -2.86 -20.77 18.19
C LEU B 537 -3.64 -20.43 19.45
N SER B 538 -3.05 -20.77 20.60
CA SER B 538 -3.59 -20.32 21.87
C SER B 538 -3.60 -18.79 21.93
N GLN B 539 -4.62 -18.25 22.58
CA GLN B 539 -4.72 -16.82 22.83
C GLN B 539 -4.22 -16.43 24.21
N GLY B 540 -3.75 -17.39 25.01
CA GLY B 540 -3.21 -17.08 26.32
C GLY B 540 -1.70 -16.84 26.35
MG MG C . -9.98 -7.85 -15.60
N1' TZD D . -1.96 0.52 -9.85
C2' TZD D . -2.65 1.54 -9.32
C2A TZD D . -2.38 1.86 -7.89
N3' TZD D . -3.54 2.29 -9.96
C4' TZD D . -3.77 2.03 -11.26
N4' TZD D . -4.61 2.84 -11.90
C5' TZD D . -3.10 0.97 -11.92
C6' TZD D . -2.21 0.26 -11.14
C35 TZD D . -3.37 0.63 -13.37
N3 TZD D . -4.70 0.04 -13.60
C2 TZD D . -5.73 0.81 -14.12
OC2 TZD D . -5.64 1.98 -14.44
S1 TZD D . -7.18 -0.18 -14.27
C5 TZD D . -6.34 -1.55 -13.63
C4 TZD D . -5.05 -1.27 -13.32
C4A TZD D . -4.06 -2.21 -12.70
C5A TZD D . -7.05 -2.86 -13.53
C5B TZD D . -7.96 -3.13 -14.71
O5G TZD D . -8.29 -4.54 -14.72
P1 TZD D . -9.63 -5.09 -14.09
O11 TZD D . -10.74 -4.58 -15.12
O12 TZD D . -9.87 -4.35 -12.77
O13 TZD D . -9.62 -6.57 -14.00
P2 TZD D . -10.98 -4.95 -16.64
O21 TZD D . -10.49 -3.85 -17.54
O22 TZD D . -10.22 -6.27 -16.84
O23 TZD D . -12.48 -5.21 -16.79
H2A1 TZD D . -3.15 2.53 -7.51
H2A2 TZD D . -1.41 2.33 -7.79
H2A3 TZD D . -2.40 0.95 -7.29
H4'1 TZD D . -5.08 3.60 -11.41
H4'2 TZD D . -4.80 2.71 -12.89
H6' TZD D . -1.64 -0.58 -11.54
H351 TZD D . -2.63 -0.07 -13.74
H352 TZD D . -3.28 1.52 -13.98
H4A1 TZD D . -4.49 -3.21 -12.57
H4A2 TZD D . -3.73 -1.87 -11.72
H4A3 TZD D . -3.18 -2.32 -13.33
H5A1 TZD D . -7.62 -2.89 -12.60
H5A2 TZD D . -6.33 -3.66 -13.41
H5B1 TZD D . -7.48 -2.90 -15.66
H5B2 TZD D . -8.89 -2.57 -14.66
PB ADP E . -15.32 15.49 -11.39
O1B ADP E . -14.24 14.41 -11.35
O2B ADP E . -16.66 14.98 -11.00
O3B ADP E . -15.29 16.13 -12.79
PA ADP E . -13.46 17.20 -9.93
O1A ADP E . -12.57 17.18 -11.18
O2A ADP E . -12.95 16.50 -8.74
O3A ADP E . -14.88 16.64 -10.37
O5' ADP E . -13.72 18.74 -9.57
C5' ADP E . -14.52 19.17 -8.43
C4' ADP E . -14.41 20.67 -8.32
O4' ADP E . -15.44 21.14 -7.42
C3' ADP E . -13.08 21.19 -7.78
O3' ADP E . -12.49 22.14 -8.65
C2' ADP E . -13.44 21.80 -6.42
O2' ADP E . -12.67 22.95 -6.12
C1' ADP E . -14.90 22.19 -6.66
N9 ADP E . -15.71 22.35 -5.46
C8 ADP E . -15.53 21.76 -4.24
N7 ADP E . -16.43 22.10 -3.34
C5 ADP E . -17.26 22.98 -4.03
C6 ADP E . -18.41 23.68 -3.64
N6 ADP E . -18.93 23.65 -2.39
N1 ADP E . -19.00 24.46 -4.57
C2 ADP E . -18.47 24.53 -5.79
N3 ADP E . -17.39 23.91 -6.27
C4 ADP E . -16.82 23.14 -5.33
H5'1 ADP E . -14.13 18.72 -7.51
H5'2 ADP E . -15.56 18.91 -8.56
H4' ADP E . -14.66 21.15 -9.26
H3' ADP E . -12.37 20.35 -7.67
HO3' ADP E . -12.88 22.02 -9.56
H2' ADP E . -13.34 21.05 -5.64
HO2' ADP E . -12.35 23.27 -7.01
H1' ADP E . -14.97 23.15 -7.19
H8 ADP E . -14.72 21.07 -4.03
HN61 ADP E . -19.76 24.19 -2.16
HN62 ADP E . -18.51 23.10 -1.66
H2 ADP E . -19.00 25.18 -6.48
O1 UNL F . -14.63 36.39 -14.80
O2 UNL F . -13.60 36.90 -14.01
O3 UNL F . -12.31 36.38 -14.15
O4 UNL F . -12.06 35.37 -15.07
O5 UNL F . -13.09 34.88 -15.85
O6 UNL F . -14.38 35.38 -15.73
O7 UNL F . -16.02 36.95 -14.64
O8 UNL F . -16.17 38.01 -14.00
O9 UNL F . -16.97 36.33 -15.17
MG MG G . -1.67 -12.90 15.36
N1' TZD H . 1.32 -1.73 9.84
C2' TZD H . 2.55 -1.72 9.32
C2A TZD H . 2.68 -1.28 7.91
N3' TZD H . 3.66 -2.07 9.95
C4' TZD H . 3.56 -2.46 11.23
N4' TZD H . 4.68 -2.79 11.86
C5' TZD H . 2.29 -2.52 11.89
C6' TZD H . 1.23 -2.12 11.11
C35 TZD H . 2.16 -2.97 13.32
N3 TZD H . 2.32 -4.42 13.48
C2 TZD H . 3.50 -4.95 13.97
OC2 TZD H . 4.49 -4.30 14.26
S1 TZD H . 3.36 -6.70 14.09
C5 TZD H . 1.73 -6.62 13.48
C4 TZD H . 1.32 -5.36 13.22
C4A TZD H . 0.00 -4.95 12.67
C5A TZD H . 0.95 -7.90 13.35
C5B TZD H . 1.24 -8.89 14.45
O5G TZD H . 0.20 -9.89 14.45
P1 TZD H . 0.39 -11.31 13.79
O11 TZD H . 1.40 -12.04 14.79
O12 TZD H . 1.14 -11.10 12.48
O13 TZD H . -0.90 -12.04 13.70
P2 TZD H . 1.22 -12.39 16.33
O21 TZD H . -0.30 -12.41 16.55
O22 TZD H . 1.91 -11.40 17.20
O23 TZD H . 1.76 -13.82 16.49
H2A1 TZD H . 3.68 -1.51 7.53
H2A2 TZD H . 2.53 -0.21 7.82
H2A3 TZD H . 1.95 -1.78 7.28
H4'1 TZD H . 5.58 -2.75 11.39
H4'2 TZD H . 4.67 -3.08 12.84
H6' TZD H . 0.21 -2.12 11.50
H351 TZD H . 1.19 -2.68 13.72
H352 TZD H . 2.90 -2.48 13.94
H4A1 TZD H . -0.66 -5.80 12.54
H4A2 TZD H . 0.10 -4.47 11.70
H4A3 TZD H . -0.50 -4.24 13.32
H5A1 TZD H . 1.15 -8.33 12.38
H5A2 TZD H . -0.12 -7.66 13.32
H5B1 TZD H . 1.26 -8.42 15.43
H5B2 TZD H . 2.19 -9.40 14.30
PB ADP I . 20.95 -5.39 11.50
O1B ADP I . 21.44 -5.13 12.93
O2B ADP I . 19.49 -4.93 11.41
O3B ADP I . 21.15 -6.77 11.04
PA ADP I . 21.58 -2.89 10.12
O1A ADP I . 21.21 -2.08 11.35
O2A ADP I . 20.68 -2.80 8.94
O3A ADP I . 21.80 -4.39 10.58
O5' ADP I . 23.06 -2.47 9.74
C5' ADP I . 23.75 -2.82 8.52
C4' ADP I . 24.99 -1.97 8.48
O4' ADP I . 25.94 -2.56 7.57
C3' ADP I . 24.76 -0.53 8.01
O3' ADP I . 25.28 0.42 8.94
C2' ADP I . 25.51 -0.45 6.68
O2' ADP I . 26.11 0.82 6.50
C1' ADP I . 26.59 -1.51 6.88
N9 ADP I . 27.16 -2.07 5.66
C8 ADP I . 26.59 -2.12 4.42
N7 ADP I . 27.35 -2.70 3.51
C5 ADP I . 28.50 -3.04 4.21
C6 ADP I . 29.69 -3.69 3.82
N6 ADP I . 29.96 -4.09 2.57
N1 ADP I . 30.63 -3.88 4.77
C2 ADP I . 30.39 -3.46 6.02
N3 ADP I . 29.31 -2.84 6.50
C4 ADP I . 28.40 -2.66 5.53
H5'1 ADP I . 23.14 -2.61 7.64
H5'2 ADP I . 24.05 -3.87 8.52
H4' ADP I . 25.52 -1.99 9.43
H3' ADP I . 23.70 -0.35 7.91
HO3' ADP I . 25.44 -0.04 9.81
H2' ADP I . 24.84 -0.70 5.86
HO2' ADP I . 26.18 1.20 7.41
H1' ADP I . 27.42 -1.12 7.45
H8 ADP I . 25.60 -1.73 4.20
HN61 ADP I . 30.83 -4.55 2.34
HN62 ADP I . 29.29 -3.95 1.82
H2 ADP I . 31.19 -3.65 6.73
O1 UNL J . 38.54 5.93 15.38
O2 UNL J . 38.34 7.05 14.57
O3 UNL J . 37.21 7.85 14.76
O4 UNL J . 36.30 7.53 15.75
O5 UNL J . 36.49 6.41 16.56
O6 UNL J . 37.62 5.61 16.37
O7 UNL J . 39.76 5.07 15.16
O8 UNL J . 40.61 5.43 14.31
O9 UNL J . 39.87 4.02 15.82
#